data_3LL3
#
_entry.id   3LL3
#
_cell.length_a   57.889
_cell.length_b   73.056
_cell.length_c   82.872
_cell.angle_alpha   84.75
_cell.angle_beta   86.32
_cell.angle_gamma   77.95
#
_symmetry.space_group_name_H-M   'P 1'
#
loop_
_entity.id
_entity.type
_entity.pdbx_description
1 polymer 'Gluconate kinase'
2 non-polymer "ADENOSINE-5'-TRIPHOSPHATE"
3 non-polymer 1-DEOXY-D-XYLULOSE-5-PHOSPHATE
4 non-polymer D-XYLULOSE
5 non-polymer "ADENOSINE-5'-DIPHOSPHATE"
6 water water
#
_entity_poly.entity_id   1
_entity_poly.type   'polypeptide(L)'
_entity_poly.pdbx_seq_one_letter_code
;(MSE)SLKYIIG(MSE)DVGTTATKGVLYDINGKAVASVSKGYPLIQTKVGQAEEDPKLIFDAVQEIIFDLTQKIDGKIA
AISWSSQ(MSE)HSLIGLGSDDELLTNSITWADNCAKSIVQDAKNRGFAQQIYRKTG(MSE)P(MSE)HP(MSE)APIYK
LLWLKNKKTEVFSQAQKWIGIKEYIIFRLTGKLVTDTT(MSE)AAGTGILNLKTLTWDQELLDILKIKKEQLPKIAQPTK
VIFPIKTEYVKKLGIDSDTKIILGASDGYLSTIGVNAIDSDHCALNVGTSGAIRTIVDQPKIDPSASYFCYPADKTHYLL
GGPVNNGGIVFNWARQTLFDADETPQDFLDVAQTAPAGSRNLIFLPYLGGERAPIWDANARGSFVGLTR(MSE)HQKPE
(MSE)ARAVIEGIIFNLYDAASNLIKNTKKPVAINATGGFLKSDFVRQLCANIFNVPIVT(MSE)KEQQSGTLAA(MSE)
FLARQALGLNQDLSEIGQFAQADKVYFPNPKEAATYQKLFPLYCEIRNALAASYGKFSNINEGHHHHHH
;
_entity_poly.pdbx_strand_id   A,B
#
# COMPACT_ATOMS: atom_id res chain seq x y z
N SER A 2 14.11 -34.89 -49.52
CA SER A 2 12.82 -34.85 -50.22
C SER A 2 11.62 -34.64 -49.28
N LEU A 3 11.82 -34.86 -47.98
CA LEU A 3 10.85 -34.35 -47.00
C LEU A 3 11.16 -32.87 -46.75
N LYS A 4 10.14 -32.01 -46.79
CA LYS A 4 10.36 -30.57 -46.66
C LYS A 4 9.99 -30.03 -45.29
N TYR A 5 10.75 -29.01 -44.86
CA TYR A 5 10.58 -28.43 -43.56
C TYR A 5 10.64 -26.91 -43.61
N ILE A 6 10.15 -26.28 -42.55
CA ILE A 6 10.21 -24.83 -42.39
C ILE A 6 10.75 -24.52 -41.01
N ILE A 7 11.69 -23.59 -40.93
CA ILE A 7 12.19 -23.15 -39.63
C ILE A 7 11.61 -21.79 -39.29
N GLY A 8 11.07 -21.68 -38.08
CA GLY A 8 10.62 -20.40 -37.58
C GLY A 8 11.59 -19.94 -36.52
N ASP A 10 12.81 -16.95 -33.65
CA ASP A 10 12.30 -15.94 -32.77
C ASP A 10 13.47 -15.22 -32.11
N VAL A 11 13.78 -14.02 -32.61
CA VAL A 11 14.98 -13.32 -32.18
C VAL A 11 14.64 -12.39 -31.02
N GLY A 12 14.71 -12.94 -29.81
CA GLY A 12 14.33 -12.17 -28.64
C GLY A 12 15.51 -11.48 -27.99
N THR A 13 15.22 -10.66 -27.00
CA THR A 13 16.29 -10.16 -26.15
C THR A 13 16.75 -11.35 -25.31
N THR A 14 18.03 -11.37 -24.96
CA THR A 14 18.63 -12.49 -24.21
C THR A 14 18.74 -13.86 -24.91
N ALA A 15 17.85 -14.16 -25.86
CA ALA A 15 17.99 -15.43 -26.60
C ALA A 15 17.15 -15.52 -27.85
N THR A 16 17.63 -16.28 -28.81
CA THR A 16 16.86 -16.63 -30.00
C THR A 16 16.42 -18.08 -29.87
N LYS A 17 15.20 -18.38 -30.33
CA LYS A 17 14.73 -19.76 -30.38
C LYS A 17 14.39 -20.12 -31.81
N GLY A 18 14.78 -21.31 -32.24
CA GLY A 18 14.37 -21.80 -33.54
C GLY A 18 13.50 -23.04 -33.37
N VAL A 19 12.47 -23.14 -34.20
CA VAL A 19 11.62 -24.32 -34.21
C VAL A 19 11.58 -24.86 -35.63
N LEU A 20 11.83 -26.17 -35.74
CA LEU A 20 11.75 -26.86 -37.02
C LEU A 20 10.35 -27.46 -37.16
N TYR A 21 9.66 -27.13 -38.26
CA TYR A 21 8.32 -27.64 -38.49
C TYR A 21 8.33 -28.50 -39.74
N ASP A 22 7.58 -29.60 -39.71
CA ASP A 22 7.39 -30.39 -40.93
C ASP A 22 6.32 -29.73 -41.81
N ILE A 23 6.10 -30.31 -42.98
CA ILE A 23 5.24 -29.69 -43.99
C ILE A 23 3.75 -29.80 -43.64
N ASN A 24 3.45 -30.40 -42.49
CA ASN A 24 2.08 -30.38 -41.97
C ASN A 24 1.91 -29.36 -40.84
N GLY A 25 2.97 -28.62 -40.54
CA GLY A 25 2.90 -27.60 -39.51
C GLY A 25 3.24 -28.10 -38.12
N LYS A 26 3.61 -29.36 -38.00
CA LYS A 26 3.93 -29.94 -36.71
C LYS A 26 5.37 -29.61 -36.32
N ALA A 27 5.56 -29.15 -35.08
CA ALA A 27 6.90 -28.85 -34.60
C ALA A 27 7.59 -30.17 -34.35
N VAL A 28 8.80 -30.33 -34.89
CA VAL A 28 9.49 -31.61 -34.73
C VAL A 28 10.75 -31.48 -33.88
N ALA A 29 11.26 -30.25 -33.77
CA ALA A 29 12.40 -29.97 -32.91
C ALA A 29 12.50 -28.47 -32.69
N SER A 30 13.23 -28.09 -31.65
CA SER A 30 13.54 -26.71 -31.41
C SER A 30 14.86 -26.60 -30.68
N VAL A 31 15.60 -25.53 -30.95
CA VAL A 31 16.88 -25.28 -30.30
C VAL A 31 16.94 -23.78 -30.00
N SER A 32 17.48 -23.39 -28.86
CA SER A 32 17.68 -21.96 -28.58
C SER A 32 19.07 -21.68 -28.00
N LYS A 33 19.56 -20.47 -28.20
CA LYS A 33 20.86 -20.02 -27.67
C LYS A 33 20.81 -18.56 -27.21
N GLY A 34 21.40 -18.27 -26.06
CA GLY A 34 21.36 -16.93 -25.51
C GLY A 34 22.58 -16.05 -25.77
N TYR A 35 22.43 -14.77 -25.44
CA TYR A 35 23.53 -13.81 -25.52
C TYR A 35 23.39 -12.85 -24.37
N PRO A 36 24.50 -12.28 -23.89
CA PRO A 36 24.44 -11.41 -22.72
C PRO A 36 23.87 -10.05 -23.07
N LEU A 37 23.21 -9.41 -22.11
CA LEU A 37 22.82 -8.02 -22.27
C LEU A 37 23.99 -7.16 -21.85
N ILE A 38 24.19 -6.04 -22.53
CA ILE A 38 25.25 -5.11 -22.19
C ILE A 38 24.67 -3.96 -21.35
N GLN A 39 24.90 -4.02 -20.05
CA GLN A 39 24.44 -2.97 -19.14
C GLN A 39 25.59 -2.39 -18.34
N THR A 40 26.49 -1.66 -19.00
CA THR A 40 27.58 -1.03 -18.26
C THR A 40 27.00 -0.06 -17.24
N LYS A 41 26.24 0.91 -17.71
CA LYS A 41 25.62 1.90 -16.84
C LYS A 41 24.12 1.65 -16.67
N VAL A 42 23.53 2.26 -15.64
CA VAL A 42 22.10 2.16 -15.40
C VAL A 42 21.30 2.69 -16.58
N GLY A 43 20.29 1.93 -17.00
CA GLY A 43 19.48 2.30 -18.14
C GLY A 43 20.02 1.77 -19.46
N GLN A 44 21.28 1.33 -19.44
CA GLN A 44 21.86 0.76 -20.65
C GLN A 44 21.37 -0.66 -20.91
N ALA A 45 21.07 -0.95 -22.16
CA ALA A 45 20.54 -2.25 -22.54
C ALA A 45 20.84 -2.52 -24.01
N GLU A 46 22.03 -3.07 -24.27
CA GLU A 46 22.49 -3.31 -25.63
C GLU A 46 22.85 -4.79 -25.78
N GLU A 47 22.87 -5.26 -27.02
CA GLU A 47 23.45 -6.57 -27.27
C GLU A 47 24.28 -6.53 -28.53
N ASP A 48 25.24 -7.46 -28.63
CA ASP A 48 26.16 -7.52 -29.75
C ASP A 48 25.53 -8.25 -30.95
N PRO A 49 25.28 -7.50 -32.04
CA PRO A 49 24.65 -8.09 -33.23
C PRO A 49 25.45 -9.27 -33.77
N LYS A 50 26.78 -9.25 -33.65
CA LYS A 50 27.61 -10.37 -34.09
C LYS A 50 27.33 -11.66 -33.29
N LEU A 51 27.20 -11.54 -31.97
CA LEU A 51 26.82 -12.66 -31.11
C LEU A 51 25.45 -13.21 -31.46
N ILE A 52 24.49 -12.31 -31.68
CA ILE A 52 23.15 -12.74 -32.03
C ILE A 52 23.18 -13.49 -33.34
N PHE A 53 23.90 -12.96 -34.33
CA PHE A 53 23.98 -13.62 -35.62
C PHE A 53 24.70 -14.97 -35.53
N ASP A 54 25.74 -15.06 -34.70
CA ASP A 54 26.39 -16.34 -34.43
C ASP A 54 25.41 -17.35 -33.82
N ALA A 55 24.60 -16.93 -32.85
CA ALA A 55 23.58 -17.82 -32.28
C ALA A 55 22.64 -18.28 -33.38
N VAL A 56 22.25 -17.37 -34.26
CA VAL A 56 21.35 -17.66 -35.36
C VAL A 56 21.89 -18.76 -36.29
N GLN A 57 23.17 -18.68 -36.67
CA GLN A 57 23.74 -19.69 -37.54
C GLN A 57 23.79 -21.04 -36.84
N GLU A 58 24.12 -20.99 -35.56
CA GLU A 58 24.30 -22.17 -34.74
C GLU A 58 22.96 -22.89 -34.59
N ILE A 59 21.93 -22.14 -34.23
CA ILE A 59 20.58 -22.68 -34.12
C ILE A 59 20.12 -23.34 -35.41
N ILE A 60 20.24 -22.64 -36.53
CA ILE A 60 19.79 -23.20 -37.80
C ILE A 60 20.55 -24.47 -38.17
N PHE A 61 21.86 -24.45 -37.97
CA PHE A 61 22.65 -25.63 -38.27
C PHE A 61 22.19 -26.84 -37.43
N ASP A 62 22.05 -26.65 -36.12
CA ASP A 62 21.66 -27.73 -35.23
C ASP A 62 20.32 -28.35 -35.64
N LEU A 63 19.39 -27.50 -36.04
CA LEU A 63 18.09 -27.97 -36.51
C LEU A 63 18.21 -28.83 -37.76
N THR A 64 18.98 -28.38 -38.75
CA THR A 64 19.13 -29.13 -40.00
C THR A 64 19.85 -30.45 -39.78
N GLN A 65 20.67 -30.52 -38.72
CA GLN A 65 21.39 -31.74 -38.39
C GLN A 65 20.43 -32.82 -37.91
N LYS A 66 19.26 -32.40 -37.45
CA LYS A 66 18.31 -33.29 -36.82
C LYS A 66 17.48 -34.08 -37.83
N ILE A 67 17.55 -33.72 -39.10
CA ILE A 67 16.70 -34.35 -40.08
C ILE A 67 17.44 -34.62 -41.38
N ASP A 68 16.89 -35.51 -42.20
CA ASP A 68 17.38 -35.66 -43.56
C ASP A 68 16.34 -35.17 -44.56
N GLY A 69 16.36 -33.87 -44.83
CA GLY A 69 15.38 -33.27 -45.71
C GLY A 69 15.75 -31.85 -46.11
N LYS A 70 14.89 -31.23 -46.89
CA LYS A 70 15.13 -29.90 -47.35
C LYS A 70 14.45 -28.87 -46.45
N ILE A 71 15.16 -27.79 -46.16
CA ILE A 71 14.57 -26.64 -45.53
C ILE A 71 14.02 -25.74 -46.63
N ALA A 72 12.69 -25.71 -46.77
CA ALA A 72 12.06 -24.92 -47.81
C ALA A 72 12.09 -23.42 -47.53
N ALA A 73 12.07 -23.05 -46.24
CA ALA A 73 12.04 -21.65 -45.91
C ALA A 73 12.44 -21.42 -44.46
N ILE A 74 13.05 -20.27 -44.18
CA ILE A 74 13.34 -19.84 -42.82
C ILE A 74 12.64 -18.50 -42.62
N SER A 75 11.74 -18.45 -41.63
CA SER A 75 10.96 -17.25 -41.38
C SER A 75 11.29 -16.66 -40.00
N TRP A 76 10.95 -15.39 -39.81
CA TRP A 76 11.51 -14.63 -38.69
C TRP A 76 10.46 -13.91 -37.86
N SER A 77 10.57 -14.08 -36.54
CA SER A 77 9.86 -13.27 -35.56
C SER A 77 10.96 -12.57 -34.76
N SER A 78 10.75 -11.30 -34.41
CA SER A 78 11.84 -10.53 -33.82
C SER A 78 11.36 -9.53 -32.77
N GLN A 79 12.17 -9.33 -31.73
CA GLN A 79 12.00 -8.22 -30.81
C GLN A 79 11.84 -6.93 -31.61
N HIS A 81 11.80 -2.45 -31.86
CA HIS A 81 12.33 -1.18 -31.38
C HIS A 81 13.86 -1.15 -31.28
N SER A 82 14.54 -2.19 -31.75
CA SER A 82 15.99 -2.20 -31.66
C SER A 82 16.58 -1.29 -32.74
N LEU A 83 17.78 -0.78 -32.48
CA LEU A 83 18.40 0.19 -33.36
C LEU A 83 19.88 -0.09 -33.48
N ILE A 84 20.36 -0.18 -34.72
CA ILE A 84 21.75 -0.47 -35.02
C ILE A 84 22.22 0.44 -36.15
N GLY A 85 23.41 1.03 -36.00
CA GLY A 85 23.98 1.86 -37.04
C GLY A 85 25.09 1.18 -37.84
N LEU A 86 25.02 1.28 -39.16
CA LEU A 86 26.07 0.78 -40.04
C LEU A 86 26.80 1.96 -40.70
N GLY A 87 28.12 1.86 -40.87
CA GLY A 87 28.88 2.83 -41.62
C GLY A 87 28.86 2.61 -43.11
N SER A 88 29.62 3.41 -43.85
CA SER A 88 29.66 3.31 -45.31
C SER A 88 30.26 2.00 -45.82
N ASP A 89 31.09 1.36 -45.01
CA ASP A 89 31.59 0.02 -45.35
C ASP A 89 30.64 -1.07 -44.80
N ASP A 90 29.41 -0.69 -44.47
CA ASP A 90 28.42 -1.63 -43.92
C ASP A 90 28.85 -2.25 -42.59
N GLU A 91 29.81 -1.64 -41.93
CA GLU A 91 30.32 -2.17 -40.66
C GLU A 91 29.53 -1.65 -39.47
N LEU A 92 29.44 -2.44 -38.40
CA LEU A 92 28.74 -2.00 -37.21
C LEU A 92 29.38 -0.77 -36.62
N LEU A 93 28.57 0.26 -36.35
CA LEU A 93 28.99 1.49 -35.70
C LEU A 93 28.55 1.48 -34.23
N THR A 94 27.53 0.67 -33.94
CA THR A 94 26.94 0.59 -32.60
C THR A 94 26.58 -0.86 -32.33
N ASN A 95 26.29 -1.17 -31.08
CA ASN A 95 25.62 -2.44 -30.76
C ASN A 95 24.14 -2.31 -31.08
N SER A 96 23.38 -3.38 -30.81
CA SER A 96 21.94 -3.30 -30.95
C SER A 96 21.40 -2.65 -29.69
N ILE A 97 20.85 -1.45 -29.84
CA ILE A 97 20.27 -0.74 -28.70
C ILE A 97 18.83 -1.20 -28.54
N THR A 98 18.57 -2.04 -27.54
CA THR A 98 17.27 -2.69 -27.41
C THR A 98 16.15 -1.77 -26.92
N TRP A 99 14.92 -2.26 -27.02
CA TRP A 99 13.77 -1.48 -26.58
C TRP A 99 13.97 -1.02 -25.13
N ALA A 100 14.69 -1.79 -24.32
CA ALA A 100 14.80 -1.52 -22.88
C ALA A 100 15.82 -0.44 -22.49
N ASP A 101 16.59 0.03 -23.46
CA ASP A 101 17.61 1.04 -23.20
C ASP A 101 16.93 2.37 -22.99
N ASN A 102 17.25 3.07 -21.91
CA ASN A 102 16.52 4.32 -21.66
C ASN A 102 17.33 5.60 -21.92
N CYS A 103 18.36 5.49 -22.75
CA CYS A 103 19.24 6.63 -23.01
C CYS A 103 18.48 7.87 -23.46
N ALA A 104 17.35 7.67 -24.14
CA ALA A 104 16.56 8.77 -24.70
C ALA A 104 15.49 9.33 -23.77
N LYS A 105 15.54 8.94 -22.51
CA LYS A 105 14.47 9.26 -21.58
C LYS A 105 14.27 10.78 -21.40
N SER A 106 15.34 11.56 -21.39
CA SER A 106 15.22 13.01 -21.27
C SER A 106 14.67 13.58 -22.57
N ILE A 107 15.11 13.00 -23.69
CA ILE A 107 14.66 13.43 -24.99
C ILE A 107 13.14 13.34 -25.06
N VAL A 108 12.61 12.25 -24.50
CA VAL A 108 11.18 12.00 -24.55
C VAL A 108 10.44 13.00 -23.69
N GLN A 109 10.94 13.20 -22.47
CA GLN A 109 10.32 14.15 -21.56
C GLN A 109 10.25 15.54 -22.20
N ASP A 110 11.34 16.03 -22.79
CA ASP A 110 11.32 17.33 -23.46
C ASP A 110 10.34 17.34 -24.64
N ALA A 111 10.39 16.30 -25.47
CA ALA A 111 9.42 16.18 -26.56
C ALA A 111 7.99 16.28 -26.03
N LYS A 112 7.75 15.64 -24.89
CA LYS A 112 6.44 15.60 -24.28
C LYS A 112 6.04 17.02 -23.82
N ASN A 113 7.00 17.77 -23.28
CA ASN A 113 6.72 19.13 -22.83
C ASN A 113 6.40 20.10 -23.98
N ARG A 114 7.02 19.89 -25.14
CA ARG A 114 6.83 20.80 -26.26
C ARG A 114 5.67 20.39 -27.19
N GLY A 115 5.08 19.22 -26.93
CA GLY A 115 4.01 18.72 -27.78
C GLY A 115 4.51 17.91 -28.99
N PHE A 116 5.81 17.63 -29.03
CA PHE A 116 6.40 16.86 -30.13
C PHE A 116 6.12 15.37 -30.03
N ALA A 117 6.18 14.84 -28.80
CA ALA A 117 5.94 13.41 -28.56
C ALA A 117 4.51 13.09 -28.95
N GLN A 118 3.60 13.99 -28.61
CA GLN A 118 2.20 13.85 -28.96
C GLN A 118 2.03 13.79 -30.47
N GLN A 119 2.83 14.56 -31.18
CA GLN A 119 2.74 14.64 -32.63
C GLN A 119 3.25 13.37 -33.26
N ILE A 120 4.36 12.87 -32.75
CA ILE A 120 4.89 11.59 -33.20
C ILE A 120 3.85 10.48 -33.03
N TYR A 121 3.18 10.47 -31.87
CA TYR A 121 2.10 9.52 -31.63
C TYR A 121 0.95 9.64 -32.64
N ARG A 122 0.46 10.87 -32.82
CA ARG A 122 -0.52 11.25 -33.85
CA ARG A 122 -0.57 11.11 -33.82
C ARG A 122 -0.14 10.66 -35.21
N LYS A 123 1.14 10.80 -35.56
CA LYS A 123 1.63 10.41 -36.88
C LYS A 123 1.88 8.92 -37.06
N THR A 124 2.37 8.27 -36.01
CA THR A 124 2.97 6.95 -36.20
C THR A 124 2.41 5.85 -35.28
N GLY A 125 1.58 6.23 -34.32
CA GLY A 125 1.03 5.27 -33.37
C GLY A 125 2.01 4.87 -32.28
N PRO A 127 3.72 5.23 -28.84
CA PRO A 127 3.57 5.86 -27.53
C PRO A 127 4.77 6.72 -27.14
N HIS A 129 7.50 7.07 -25.46
CA HIS A 129 8.40 6.27 -24.66
C HIS A 129 9.76 6.13 -25.34
N PRO A 130 10.84 6.13 -24.56
CA PRO A 130 12.23 6.09 -25.04
C PRO A 130 12.63 4.81 -25.77
N ALA A 132 11.45 3.70 -28.52
CA ALA A 132 11.38 3.92 -29.97
C ALA A 132 12.70 4.42 -30.57
N PRO A 133 13.09 3.81 -31.69
CA PRO A 133 14.18 4.27 -32.57
C PRO A 133 14.17 5.78 -32.84
N ILE A 134 13.01 6.38 -33.11
CA ILE A 134 13.04 7.81 -33.38
C ILE A 134 13.64 8.63 -32.22
N TYR A 135 13.32 8.29 -30.98
CA TYR A 135 13.86 9.01 -29.82
C TYR A 135 15.32 8.70 -29.58
N LYS A 136 15.70 7.45 -29.86
CA LYS A 136 17.10 7.06 -29.75
C LYS A 136 17.97 7.78 -30.80
N LEU A 137 17.42 7.97 -32.00
CA LEU A 137 18.13 8.64 -33.09
C LEU A 137 18.32 10.13 -32.77
N LEU A 138 17.26 10.75 -32.24
CA LEU A 138 17.31 12.12 -31.78
C LEU A 138 18.38 12.28 -30.68
N TRP A 139 18.42 11.34 -29.75
CA TRP A 139 19.43 11.37 -28.70
C TRP A 139 20.84 11.21 -29.29
N LEU A 140 21.00 10.24 -30.17
CA LEU A 140 22.30 10.02 -30.80
C LEU A 140 22.79 11.25 -31.58
N LYS A 141 21.88 11.87 -32.30
CA LYS A 141 22.18 13.07 -33.10
C LYS A 141 22.64 14.25 -32.23
N ASN A 142 22.18 14.31 -30.99
CA ASN A 142 22.53 15.40 -30.10
C ASN A 142 23.74 15.07 -29.23
N LYS A 143 23.87 13.82 -28.80
CA LYS A 143 24.89 13.46 -27.81
C LYS A 143 26.03 12.58 -28.32
N LYS A 144 25.86 12.01 -29.51
CA LYS A 144 26.88 11.16 -30.11
C LYS A 144 27.08 11.59 -31.55
N THR A 145 27.42 12.86 -31.74
CA THR A 145 27.48 13.46 -33.07
C THR A 145 28.39 12.70 -34.04
N GLU A 146 29.46 12.13 -33.50
CA GLU A 146 30.45 11.44 -34.35
C GLU A 146 29.83 10.25 -35.07
N VAL A 147 29.27 9.31 -34.30
CA VAL A 147 28.63 8.13 -34.89
C VAL A 147 27.45 8.55 -35.75
N PHE A 148 26.67 9.53 -35.30
CA PHE A 148 25.55 9.96 -36.13
C PHE A 148 26.02 10.41 -37.50
N SER A 149 27.12 11.17 -37.52
CA SER A 149 27.70 11.65 -38.77
C SER A 149 28.07 10.52 -39.72
N GLN A 150 28.64 9.45 -39.19
CA GLN A 150 29.13 8.39 -40.07
C GLN A 150 28.11 7.31 -40.42
N ALA A 151 27.00 7.26 -39.68
CA ALA A 151 25.94 6.28 -39.97
C ALA A 151 25.30 6.47 -41.36
N GLN A 152 25.38 5.44 -42.19
CA GLN A 152 24.74 5.46 -43.51
C GLN A 152 23.47 4.62 -43.54
N LYS A 153 23.31 3.77 -42.52
CA LYS A 153 22.11 2.94 -42.40
C LYS A 153 21.71 2.84 -40.93
N TRP A 154 20.41 2.97 -40.67
CA TRP A 154 19.88 2.75 -39.34
C TRP A 154 18.87 1.62 -39.44
N ILE A 155 19.14 0.52 -38.73
CA ILE A 155 18.35 -0.69 -38.91
C ILE A 155 18.06 -1.35 -37.58
N GLY A 156 17.29 -2.43 -37.63
CA GLY A 156 17.03 -3.22 -36.44
C GLY A 156 17.72 -4.57 -36.57
N ILE A 157 17.70 -5.35 -35.50
CA ILE A 157 18.38 -6.65 -35.49
C ILE A 157 17.83 -7.62 -36.53
N LYS A 158 16.53 -7.59 -36.80
CA LYS A 158 16.03 -8.50 -37.83
C LYS A 158 16.65 -8.14 -39.20
N GLU A 159 16.67 -6.84 -39.53
CA GLU A 159 17.30 -6.37 -40.77
C GLU A 159 18.78 -6.75 -40.83
N TYR A 160 19.47 -6.58 -39.71
CA TYR A 160 20.87 -6.93 -39.63
C TYR A 160 21.11 -8.39 -40.01
N ILE A 161 20.36 -9.29 -39.34
CA ILE A 161 20.48 -10.72 -39.61
C ILE A 161 20.23 -11.01 -41.07
N ILE A 162 19.11 -10.54 -41.59
CA ILE A 162 18.79 -10.83 -42.97
C ILE A 162 19.84 -10.24 -43.92
N PHE A 163 20.44 -9.13 -43.52
CA PHE A 163 21.44 -8.48 -44.35
C PHE A 163 22.68 -9.36 -44.41
N ARG A 164 23.07 -9.90 -43.27
CA ARG A 164 24.24 -10.76 -43.23
C ARG A 164 24.01 -11.96 -44.14
N LEU A 165 22.78 -12.48 -44.15
CA LEU A 165 22.49 -13.69 -44.93
C LEU A 165 22.35 -13.48 -46.45
N THR A 166 21.83 -12.33 -46.87
CA THR A 166 21.46 -12.13 -48.27
C THR A 166 22.09 -10.90 -48.90
N GLY A 167 22.72 -10.05 -48.09
CA GLY A 167 23.24 -8.80 -48.60
C GLY A 167 22.15 -7.79 -48.94
N LYS A 168 20.92 -8.08 -48.53
CA LYS A 168 19.81 -7.14 -48.73
C LYS A 168 19.37 -6.47 -47.42
N LEU A 169 18.96 -5.21 -47.52
CA LEU A 169 18.47 -4.46 -46.37
C LEU A 169 16.99 -4.19 -46.56
N VAL A 170 16.15 -5.00 -45.92
CA VAL A 170 14.71 -4.87 -46.04
C VAL A 170 14.05 -5.05 -44.67
N THR A 171 13.06 -4.22 -44.38
CA THR A 171 12.25 -4.41 -43.17
C THR A 171 10.78 -4.66 -43.57
N ASP A 172 10.00 -5.30 -42.69
CA ASP A 172 8.60 -5.48 -43.01
C ASP A 172 7.82 -4.36 -42.36
N THR A 173 6.60 -4.16 -42.84
CA THR A 173 5.71 -3.13 -42.31
C THR A 173 5.57 -3.19 -40.77
N THR A 174 5.42 -4.38 -40.19
CA THR A 174 5.14 -4.45 -38.73
C THR A 174 6.37 -4.03 -37.93
N ALA A 176 8.74 -1.77 -39.21
CA ALA A 176 8.80 -0.34 -39.45
C ALA A 176 7.83 0.35 -38.48
N ALA A 177 6.74 -0.35 -38.16
CA ALA A 177 5.73 0.16 -37.24
C ALA A 177 6.28 0.38 -35.82
N GLY A 178 7.38 -0.28 -35.48
CA GLY A 178 8.00 -0.10 -34.17
C GLY A 178 9.11 0.96 -34.09
N THR A 179 9.33 1.71 -35.19
CA THR A 179 10.40 2.73 -35.21
C THR A 179 9.93 4.08 -34.64
N GLY A 180 8.65 4.39 -34.84
CA GLY A 180 8.13 5.71 -34.48
C GLY A 180 8.36 6.68 -35.64
N ILE A 181 8.66 6.15 -36.81
CA ILE A 181 8.94 6.98 -37.99
C ILE A 181 7.97 6.65 -39.12
N LEU A 182 7.25 5.54 -38.98
CA LEU A 182 6.32 5.09 -40.03
C LEU A 182 4.99 5.83 -39.92
N ASN A 183 4.61 6.54 -40.98
CA ASN A 183 3.35 7.26 -41.01
C ASN A 183 2.16 6.28 -41.06
N LEU A 184 1.17 6.50 -40.21
CA LEU A 184 0.04 5.60 -40.11
C LEU A 184 -0.82 5.58 -41.38
N LYS A 185 -0.95 6.75 -42.03
CA LYS A 185 -1.82 6.89 -43.19
C LYS A 185 -1.17 6.47 -44.52
N THR A 186 0.11 6.74 -44.68
CA THR A 186 0.78 6.42 -45.93
C THR A 186 1.45 5.05 -45.88
N LEU A 187 1.77 4.59 -44.67
CA LEU A 187 2.57 3.38 -44.49
C LEU A 187 3.92 3.48 -45.21
N THR A 188 4.45 4.68 -45.31
CA THR A 188 5.87 4.84 -45.58
C THR A 188 6.44 5.83 -44.57
N TRP A 189 7.74 6.09 -44.61
CA TRP A 189 8.37 6.99 -43.64
C TRP A 189 7.70 8.36 -43.68
N ASP A 190 7.50 8.97 -42.51
CA ASP A 190 6.92 10.30 -42.41
C ASP A 190 7.99 11.34 -42.80
N GLN A 191 7.76 12.07 -43.89
CA GLN A 191 8.78 13.01 -44.39
C GLN A 191 9.17 14.10 -43.39
N GLU A 192 8.16 14.67 -42.74
CA GLU A 192 8.36 15.65 -41.69
C GLU A 192 9.27 15.12 -40.57
N LEU A 193 9.02 13.89 -40.12
CA LEU A 193 9.86 13.30 -39.07
C LEU A 193 11.30 13.01 -39.56
N LEU A 194 11.43 12.55 -40.80
CA LEU A 194 12.75 12.34 -41.39
C LEU A 194 13.53 13.66 -41.43
N ASP A 195 12.84 14.74 -41.80
CA ASP A 195 13.51 16.04 -41.89
C ASP A 195 14.02 16.52 -40.53
N ILE A 196 13.23 16.30 -39.48
CA ILE A 196 13.63 16.64 -38.12
C ILE A 196 14.81 15.77 -37.65
N LEU A 197 14.80 14.51 -38.07
CA LEU A 197 15.86 13.56 -37.76
C LEU A 197 17.15 13.84 -38.52
N LYS A 198 17.01 14.49 -39.68
CA LYS A 198 18.12 14.68 -40.59
C LYS A 198 18.60 13.33 -41.12
N ILE A 199 17.61 12.48 -41.36
CA ILE A 199 17.82 11.16 -41.92
C ILE A 199 17.16 11.14 -43.30
N LYS A 200 17.82 10.49 -44.25
CA LYS A 200 17.24 10.30 -45.57
C LYS A 200 16.64 8.90 -45.67
N LYS A 201 15.58 8.80 -46.47
CA LYS A 201 14.91 7.54 -46.76
C LYS A 201 15.92 6.45 -47.18
N GLU A 202 16.96 6.86 -47.90
CA GLU A 202 18.02 5.96 -48.32
C GLU A 202 18.85 5.41 -47.15
N GLN A 203 18.72 6.01 -45.97
CA GLN A 203 19.48 5.53 -44.81
C GLN A 203 18.68 4.50 -44.00
N LEU A 204 17.50 4.17 -44.49
CA LEU A 204 16.63 3.20 -43.82
C LEU A 204 16.33 2.03 -44.74
N PRO A 205 16.04 0.85 -44.16
CA PRO A 205 15.72 -0.28 -45.03
C PRO A 205 14.50 0.04 -45.89
N LYS A 206 14.36 -0.60 -47.04
CA LYS A 206 13.10 -0.55 -47.77
C LYS A 206 12.04 -1.36 -47.02
N ILE A 207 10.77 -0.99 -47.20
CA ILE A 207 9.66 -1.66 -46.51
C ILE A 207 8.94 -2.62 -47.44
N ALA A 208 8.77 -3.86 -47.01
CA ALA A 208 7.97 -4.83 -47.76
C ALA A 208 7.00 -5.56 -46.84
N GLN A 209 6.16 -6.42 -47.44
CA GLN A 209 5.24 -7.28 -46.66
C GLN A 209 5.99 -8.40 -45.96
N PRO A 210 5.45 -8.87 -44.82
CA PRO A 210 6.02 -9.98 -44.03
C PRO A 210 6.26 -11.25 -44.83
N THR A 211 5.47 -11.48 -45.88
CA THR A 211 5.58 -12.71 -46.65
C THR A 211 6.62 -12.61 -47.77
N LYS A 212 7.23 -11.44 -47.94
CA LYS A 212 8.17 -11.28 -49.04
C LYS A 212 9.36 -12.22 -48.94
N VAL A 213 9.70 -12.86 -50.05
CA VAL A 213 10.84 -13.76 -50.09
C VAL A 213 12.09 -12.95 -50.38
N ILE A 214 13.07 -13.02 -49.48
CA ILE A 214 14.34 -12.35 -49.67
C ILE A 214 15.35 -13.39 -50.17
N PHE A 215 15.78 -13.24 -51.43
CA PHE A 215 16.54 -14.27 -52.14
C PHE A 215 17.66 -13.59 -52.94
N PRO A 216 18.80 -14.27 -53.10
CA PRO A 216 19.13 -15.57 -52.52
C PRO A 216 19.97 -15.42 -51.26
N ILE A 217 20.14 -16.51 -50.53
CA ILE A 217 21.08 -16.57 -49.44
C ILE A 217 22.47 -16.75 -50.02
N LYS A 218 23.48 -16.15 -49.40
CA LYS A 218 24.84 -16.23 -49.90
C LYS A 218 25.40 -17.65 -49.73
N THR A 219 26.10 -18.16 -50.75
CA THR A 219 26.58 -19.55 -50.75
C THR A 219 27.30 -19.88 -49.48
N GLU A 220 28.11 -18.93 -49.00
CA GLU A 220 28.82 -19.11 -47.75
C GLU A 220 27.91 -19.65 -46.66
N TYR A 221 26.79 -18.97 -46.46
CA TYR A 221 25.89 -19.33 -45.36
C TYR A 221 24.99 -20.50 -45.71
N VAL A 222 24.92 -20.87 -46.99
CA VAL A 222 24.18 -22.07 -47.38
C VAL A 222 24.87 -23.29 -46.81
N LYS A 223 26.19 -23.24 -46.87
CA LYS A 223 27.02 -24.31 -46.32
C LYS A 223 26.96 -24.28 -44.80
N LYS A 224 27.22 -23.11 -44.22
CA LYS A 224 27.36 -22.98 -42.77
C LYS A 224 26.06 -23.36 -42.04
N LEU A 225 24.92 -23.08 -42.67
CA LEU A 225 23.63 -23.31 -42.04
C LEU A 225 23.09 -24.72 -42.30
N GLY A 226 23.66 -25.39 -43.30
CA GLY A 226 23.27 -26.76 -43.57
C GLY A 226 22.03 -26.83 -44.43
N ILE A 227 21.85 -25.83 -45.27
CA ILE A 227 20.64 -25.72 -46.09
C ILE A 227 20.92 -25.91 -47.58
N ASP A 228 19.88 -25.78 -48.40
CA ASP A 228 19.94 -25.94 -49.85
C ASP A 228 20.16 -24.57 -50.44
N SER A 229 20.55 -24.53 -51.71
CA SER A 229 20.59 -23.28 -52.46
C SER A 229 19.18 -22.81 -52.85
N ASP A 230 18.16 -23.63 -52.59
CA ASP A 230 16.80 -23.17 -52.88
C ASP A 230 15.98 -22.79 -51.63
N THR A 231 16.58 -22.99 -50.46
CA THR A 231 16.03 -22.48 -49.21
C THR A 231 15.75 -20.98 -49.27
N LYS A 232 14.51 -20.58 -48.97
CA LYS A 232 14.11 -19.18 -48.98
C LYS A 232 14.14 -18.51 -47.61
N ILE A 233 14.47 -17.22 -47.61
CA ILE A 233 14.27 -16.39 -46.44
C ILE A 233 12.92 -15.71 -46.59
N ILE A 234 12.07 -15.85 -45.58
CA ILE A 234 10.81 -15.12 -45.53
C ILE A 234 11.04 -13.92 -44.63
N LEU A 235 10.70 -12.75 -45.14
CA LEU A 235 11.02 -11.53 -44.42
C LEU A 235 10.56 -11.57 -42.95
N GLY A 236 9.34 -12.04 -42.70
CA GLY A 236 8.87 -12.15 -41.33
C GLY A 236 8.30 -10.87 -40.75
N ALA A 237 8.17 -10.81 -39.43
CA ALA A 237 7.46 -9.73 -38.77
C ALA A 237 7.85 -9.60 -37.31
N SER A 238 7.18 -8.70 -36.61
CA SER A 238 7.48 -8.40 -35.21
C SER A 238 6.91 -9.48 -34.26
N ASP A 239 7.50 -9.63 -33.08
CA ASP A 239 7.00 -10.58 -32.11
C ASP A 239 5.58 -10.23 -31.66
N GLY A 240 5.30 -8.93 -31.53
CA GLY A 240 3.98 -8.45 -31.15
C GLY A 240 2.88 -8.86 -32.11
N TYR A 241 3.11 -8.64 -33.41
CA TYR A 241 2.15 -9.00 -34.43
C TYR A 241 2.01 -10.51 -34.55
N LEU A 242 3.15 -11.19 -34.68
CA LEU A 242 3.15 -12.63 -34.86
C LEU A 242 2.54 -13.37 -33.65
N SER A 243 2.87 -12.92 -32.43
CA SER A 243 2.30 -13.50 -31.23
C SER A 243 0.77 -13.36 -31.20
N THR A 244 0.25 -12.30 -31.83
CA THR A 244 -1.19 -12.06 -31.89
C THR A 244 -1.89 -12.98 -32.92
N ILE A 245 -1.44 -12.96 -34.16
CA ILE A 245 -2.01 -13.89 -35.12
C ILE A 245 -1.66 -15.34 -34.77
N GLY A 246 -0.53 -15.55 -34.09
CA GLY A 246 -0.11 -16.87 -33.65
C GLY A 246 -1.01 -17.55 -32.59
N VAL A 247 -1.92 -16.77 -32.02
CA VAL A 247 -2.93 -17.29 -31.10
C VAL A 247 -4.32 -17.18 -31.72
N ASN A 248 -4.32 -17.02 -33.06
CA ASN A 248 -5.54 -16.94 -33.84
C ASN A 248 -6.41 -15.73 -33.52
N ALA A 249 -5.80 -14.66 -33.02
CA ALA A 249 -6.56 -13.44 -32.79
C ALA A 249 -6.35 -12.50 -33.96
N ILE A 250 -7.01 -12.81 -35.08
CA ILE A 250 -6.68 -12.16 -36.36
C ILE A 250 -7.56 -10.96 -36.62
N ASP A 251 -8.60 -10.79 -35.80
CA ASP A 251 -9.49 -9.65 -35.97
C ASP A 251 -10.01 -9.12 -34.64
N SER A 252 -10.77 -8.03 -34.72
CA SER A 252 -11.20 -7.29 -33.55
C SER A 252 -12.21 -8.02 -32.64
N ASP A 253 -12.76 -9.14 -33.11
CA ASP A 253 -13.66 -9.95 -32.28
C ASP A 253 -12.86 -10.65 -31.17
N HIS A 254 -11.55 -10.73 -31.35
CA HIS A 254 -10.67 -11.33 -30.35
C HIS A 254 -9.60 -10.34 -29.86
N CYS A 255 -9.05 -10.60 -28.68
CA CYS A 255 -7.84 -9.93 -28.19
C CYS A 255 -6.83 -11.03 -27.85
N ALA A 256 -5.55 -10.72 -27.86
CA ALA A 256 -4.54 -11.64 -27.35
C ALA A 256 -3.94 -11.10 -26.06
N LEU A 257 -3.99 -11.92 -25.01
CA LEU A 257 -3.42 -11.58 -23.71
C LEU A 257 -2.28 -12.56 -23.43
N ASN A 258 -1.06 -12.05 -23.34
CA ASN A 258 0.03 -12.91 -22.95
C ASN A 258 0.61 -12.38 -21.66
N VAL A 259 0.87 -13.27 -20.72
CA VAL A 259 1.45 -12.84 -19.46
C VAL A 259 2.50 -13.82 -18.98
N GLY A 260 3.75 -13.44 -19.15
CA GLY A 260 4.84 -14.20 -18.61
C GLY A 260 5.48 -13.35 -17.53
N THR A 261 6.79 -13.14 -17.65
CA THR A 261 7.48 -12.22 -16.76
C THR A 261 6.82 -10.83 -16.88
N SER A 262 6.66 -10.38 -18.12
CA SER A 262 5.90 -9.17 -18.39
C SER A 262 4.65 -9.57 -19.16
N GLY A 263 3.75 -8.65 -19.44
CA GLY A 263 2.56 -8.98 -20.20
C GLY A 263 2.28 -8.08 -21.38
N ALA A 264 1.24 -8.41 -22.15
CA ALA A 264 0.77 -7.58 -23.24
C ALA A 264 -0.68 -7.90 -23.55
N ILE A 265 -1.48 -6.86 -23.81
CA ILE A 265 -2.81 -7.01 -24.38
C ILE A 265 -2.85 -6.39 -25.79
N ARG A 266 -3.35 -7.15 -26.78
CA ARG A 266 -3.35 -6.69 -28.16
C ARG A 266 -4.58 -7.13 -28.94
N THR A 267 -4.85 -6.38 -30.00
CA THR A 267 -5.95 -6.70 -30.89
C THR A 267 -5.67 -6.09 -32.26
N ILE A 268 -6.29 -6.63 -33.31
CA ILE A 268 -6.04 -6.17 -34.67
C ILE A 268 -7.31 -5.57 -35.22
N VAL A 269 -7.21 -4.34 -35.74
CA VAL A 269 -8.38 -3.60 -36.24
C VAL A 269 -8.17 -3.24 -37.70
N ASP A 270 -9.23 -2.82 -38.39
CA ASP A 270 -9.12 -2.64 -39.85
C ASP A 270 -8.71 -1.23 -40.30
N GLN A 271 -8.48 -0.33 -39.34
CA GLN A 271 -8.01 0.99 -39.69
C GLN A 271 -7.12 1.58 -38.59
N PRO A 272 -6.33 2.62 -38.93
CA PRO A 272 -5.54 3.24 -37.87
C PRO A 272 -6.51 3.70 -36.82
N LYS A 273 -6.13 3.58 -35.56
CA LYS A 273 -6.95 4.11 -34.52
C LYS A 273 -5.99 4.45 -33.43
N ILE A 274 -6.02 5.69 -33.01
CA ILE A 274 -5.12 6.11 -31.98
C ILE A 274 -5.92 6.61 -30.83
N ASP A 275 -5.29 6.60 -29.67
CA ASP A 275 -5.95 6.98 -28.45
C ASP A 275 -5.67 8.44 -28.14
N PRO A 276 -6.73 9.23 -27.89
CA PRO A 276 -6.57 10.63 -27.48
C PRO A 276 -5.58 10.80 -26.33
N SER A 277 -5.45 9.81 -25.45
CA SER A 277 -4.47 9.92 -24.38
C SER A 277 -3.20 9.12 -24.65
N ALA A 278 -3.05 8.66 -25.88
CA ALA A 278 -1.87 7.88 -26.25
C ALA A 278 -1.56 6.75 -25.26
N SER A 279 -2.60 6.05 -24.81
CA SER A 279 -2.37 5.01 -23.81
C SER A 279 -2.07 3.64 -24.41
N TYR A 280 -2.22 3.50 -25.73
CA TYR A 280 -1.90 2.24 -26.40
C TYR A 280 -1.24 2.51 -27.74
N PHE A 281 -0.41 1.58 -28.22
CA PHE A 281 0.25 1.80 -29.49
C PHE A 281 -0.67 1.40 -30.63
N CYS A 282 -0.38 1.91 -31.81
CA CYS A 282 -1.03 1.43 -33.03
C CYS A 282 0.06 1.18 -34.07
N TYR A 283 0.33 -0.10 -34.35
CA TYR A 283 1.40 -0.53 -35.25
C TYR A 283 0.79 -1.20 -36.48
N PRO A 284 0.86 -0.52 -37.64
CA PRO A 284 0.33 -1.10 -38.88
C PRO A 284 0.94 -2.46 -39.22
N ALA A 285 0.16 -3.35 -39.84
CA ALA A 285 0.67 -4.60 -40.38
C ALA A 285 0.56 -4.57 -41.92
N ASP A 286 -0.50 -3.92 -42.40
CA ASP A 286 -0.67 -3.61 -43.82
C ASP A 286 -1.83 -2.64 -43.89
N LYS A 287 -2.33 -2.40 -45.09
CA LYS A 287 -3.29 -1.31 -45.25
C LYS A 287 -4.60 -1.52 -44.50
N THR A 288 -4.95 -2.78 -44.24
CA THR A 288 -6.23 -3.09 -43.62
C THR A 288 -6.11 -3.86 -42.30
N HIS A 289 -4.93 -3.87 -41.70
CA HIS A 289 -4.70 -4.52 -40.41
C HIS A 289 -3.74 -3.68 -39.57
N TYR A 290 -4.20 -3.27 -38.38
CA TYR A 290 -3.45 -2.44 -37.46
C TYR A 290 -3.42 -3.08 -36.07
N LEU A 291 -2.22 -3.23 -35.52
CA LEU A 291 -2.05 -3.87 -34.22
C LEU A 291 -2.13 -2.84 -33.12
N LEU A 292 -3.18 -2.93 -32.31
CA LEU A 292 -3.33 -2.09 -31.14
C LEU A 292 -2.88 -2.86 -29.92
N GLY A 293 -2.20 -2.20 -28.99
CA GLY A 293 -1.91 -2.89 -27.77
C GLY A 293 -1.25 -2.10 -26.67
N GLY A 294 -1.12 -2.76 -25.54
CA GLY A 294 -0.42 -2.23 -24.38
C GLY A 294 0.60 -3.24 -23.88
N PRO A 295 1.88 -2.88 -23.93
CA PRO A 295 2.89 -3.70 -23.27
C PRO A 295 2.87 -3.37 -21.77
N VAL A 296 2.85 -4.38 -20.92
CA VAL A 296 2.69 -4.16 -19.48
C VAL A 296 3.86 -4.81 -18.75
N ASN A 297 4.63 -4.01 -18.02
CA ASN A 297 5.83 -4.52 -17.35
C ASN A 297 5.51 -5.54 -16.26
N ASN A 298 4.48 -5.23 -15.48
CA ASN A 298 4.29 -5.85 -14.18
C ASN A 298 3.42 -7.09 -14.20
N GLY A 299 3.99 -8.15 -14.78
CA GLY A 299 3.31 -9.42 -14.90
C GLY A 299 3.80 -10.41 -13.87
N GLY A 300 4.26 -11.56 -14.34
CA GLY A 300 4.71 -12.61 -13.46
C GLY A 300 5.91 -12.20 -12.64
N ILE A 301 6.66 -11.21 -13.12
CA ILE A 301 7.81 -10.70 -12.38
C ILE A 301 7.40 -10.17 -11.01
N VAL A 302 6.19 -9.62 -10.94
CA VAL A 302 5.64 -9.10 -9.72
C VAL A 302 5.05 -10.25 -8.86
N PHE A 303 4.46 -11.22 -9.52
CA PHE A 303 4.06 -12.45 -8.82
C PHE A 303 5.27 -13.10 -8.14
N ASN A 304 6.38 -13.15 -8.87
CA ASN A 304 7.62 -13.64 -8.32
C ASN A 304 8.09 -12.82 -7.12
N TRP A 305 8.11 -11.49 -7.25
CA TRP A 305 8.47 -10.64 -6.11
C TRP A 305 7.61 -10.92 -4.89
N ALA A 306 6.30 -11.01 -5.09
CA ALA A 306 5.38 -11.27 -3.97
C ALA A 306 5.60 -12.63 -3.33
N ARG A 307 5.92 -13.62 -4.15
CA ARG A 307 6.14 -14.99 -3.71
C ARG A 307 7.33 -15.06 -2.76
N GLN A 308 8.39 -14.34 -3.12
CA GLN A 308 9.61 -14.30 -2.32
C GLN A 308 9.55 -13.37 -1.13
N THR A 309 8.72 -12.32 -1.23
CA THR A 309 8.71 -11.26 -0.24
C THR A 309 7.64 -11.48 0.82
N LEU A 310 6.44 -11.85 0.38
CA LEU A 310 5.34 -12.09 1.31
C LEU A 310 5.61 -13.35 2.10
N PHE A 311 6.32 -14.31 1.50
CA PHE A 311 6.59 -15.59 2.18
C PHE A 311 8.09 -15.80 2.43
N ASP A 312 8.74 -16.44 1.47
CA ASP A 312 10.17 -16.71 1.55
C ASP A 312 10.60 -17.38 0.25
N ALA A 313 11.90 -17.51 0.04
CA ALA A 313 12.43 -18.07 -1.20
C ALA A 313 12.29 -19.60 -1.28
N ASP A 314 11.37 -20.18 -0.51
CA ASP A 314 11.12 -21.62 -0.54
C ASP A 314 9.65 -21.87 -0.87
N GLU A 315 8.89 -20.80 -0.94
CA GLU A 315 7.50 -20.87 -1.32
C GLU A 315 7.39 -21.09 -2.82
N THR A 316 6.75 -22.18 -3.25
CA THR A 316 6.54 -22.46 -4.67
C THR A 316 5.41 -21.59 -5.22
N PRO A 317 5.36 -21.39 -6.55
CA PRO A 317 4.21 -20.68 -7.13
C PRO A 317 2.90 -21.33 -6.72
N GLN A 318 2.85 -22.67 -6.77
CA GLN A 318 1.65 -23.39 -6.36
C GLN A 318 1.27 -23.14 -4.90
N ASP A 319 2.26 -23.11 -4.01
CA ASP A 319 1.99 -22.81 -2.60
C ASP A 319 1.32 -21.43 -2.50
N PHE A 320 1.86 -20.46 -3.23
CA PHE A 320 1.34 -19.10 -3.20
C PHE A 320 -0.10 -19.09 -3.68
N LEU A 321 -0.34 -19.71 -4.83
CA LEU A 321 -1.68 -19.80 -5.38
C LEU A 321 -2.64 -20.46 -4.39
N ASP A 322 -2.18 -21.54 -3.78
CA ASP A 322 -3.00 -22.24 -2.79
C ASP A 322 -3.41 -21.28 -1.67
N VAL A 323 -2.45 -20.54 -1.14
CA VAL A 323 -2.78 -19.61 -0.04
C VAL A 323 -3.71 -18.50 -0.50
N ALA A 324 -3.40 -17.91 -1.65
CA ALA A 324 -4.23 -16.84 -2.20
C ALA A 324 -5.68 -17.27 -2.34
N GLN A 325 -5.89 -18.50 -2.77
CA GLN A 325 -7.25 -19.00 -2.96
C GLN A 325 -8.06 -19.12 -1.67
N THR A 326 -7.42 -19.14 -0.50
CA THR A 326 -8.18 -19.16 0.74
C THR A 326 -8.77 -17.80 1.12
N ALA A 327 -8.44 -16.75 0.38
CA ALA A 327 -9.09 -15.45 0.62
C ALA A 327 -10.29 -15.33 -0.30
N PRO A 328 -11.31 -14.54 0.10
CA PRO A 328 -12.45 -14.41 -0.81
C PRO A 328 -12.10 -13.57 -2.02
N ALA A 329 -12.81 -13.80 -3.12
CA ALA A 329 -12.69 -12.97 -4.31
C ALA A 329 -12.84 -11.50 -3.91
N GLY A 330 -11.85 -10.70 -4.29
CA GLY A 330 -11.89 -9.27 -4.01
C GLY A 330 -10.99 -8.93 -2.83
N SER A 331 -10.47 -9.96 -2.18
CA SER A 331 -9.53 -9.81 -1.06
C SER A 331 -10.03 -8.86 0.05
N ARG A 332 -11.33 -8.88 0.30
CA ARG A 332 -11.95 -7.97 1.26
C ARG A 332 -11.62 -6.51 0.95
N ASN A 333 -11.62 -6.19 -0.35
CA ASN A 333 -11.44 -4.83 -0.80
C ASN A 333 -10.03 -4.32 -0.65
N LEU A 334 -9.06 -5.21 -0.49
CA LEU A 334 -7.68 -4.76 -0.48
C LEU A 334 -7.23 -4.49 -1.93
N ILE A 335 -6.68 -3.30 -2.18
CA ILE A 335 -6.17 -2.94 -3.50
C ILE A 335 -4.64 -3.06 -3.56
N PHE A 336 -4.14 -3.72 -4.61
CA PHE A 336 -2.71 -3.78 -4.89
C PHE A 336 -2.46 -3.14 -6.25
N LEU A 337 -1.80 -1.98 -6.24
CA LEU A 337 -1.33 -1.39 -7.50
C LEU A 337 0.03 -2.03 -7.82
N PRO A 338 0.12 -2.74 -8.96
CA PRO A 338 1.27 -3.63 -9.22
C PRO A 338 2.51 -2.95 -9.80
N TYR A 339 2.58 -1.62 -9.79
CA TYR A 339 3.61 -0.94 -10.55
C TYR A 339 5.02 -0.99 -9.97
N LEU A 340 5.50 -2.18 -9.64
CA LEU A 340 6.84 -2.33 -9.06
C LEU A 340 7.99 -1.77 -9.92
N GLY A 341 8.01 -2.06 -11.21
CA GLY A 341 9.10 -1.57 -12.06
C GLY A 341 8.79 -0.34 -12.91
N GLY A 342 8.05 0.62 -12.37
CA GLY A 342 7.45 1.64 -13.21
C GLY A 342 6.49 0.92 -14.13
N GLU A 343 5.82 1.64 -15.02
CA GLU A 343 4.87 0.96 -15.90
C GLU A 343 4.72 1.63 -17.27
N ARG A 344 4.56 0.80 -18.31
CA ARG A 344 4.18 1.31 -19.61
C ARG A 344 2.65 1.34 -19.66
N ALA A 345 1.99 0.59 -20.54
CA ALA A 345 0.53 0.58 -20.50
C ALA A 345 0.10 -0.03 -19.17
N PRO A 346 -0.98 0.48 -18.56
CA PRO A 346 -1.82 1.58 -19.06
C PRO A 346 -1.44 3.00 -18.58
N ILE A 347 -0.57 3.15 -17.59
CA ILE A 347 -0.33 4.48 -17.01
C ILE A 347 0.86 5.25 -17.61
N TRP A 348 1.77 4.56 -18.28
CA TRP A 348 2.92 5.21 -18.94
C TRP A 348 3.62 6.18 -17.98
N ASP A 349 4.09 5.64 -16.86
CA ASP A 349 4.82 6.44 -15.88
C ASP A 349 6.02 5.62 -15.41
N ALA A 350 7.20 5.96 -15.88
CA ALA A 350 8.38 5.17 -15.55
C ALA A 350 8.76 5.28 -14.08
N ASN A 351 8.19 6.24 -13.37
CA ASN A 351 8.54 6.43 -11.96
C ASN A 351 7.56 5.78 -11.01
N ALA A 352 6.50 5.20 -11.54
CA ALA A 352 5.47 4.59 -10.70
C ALA A 352 6.06 3.52 -9.79
N ARG A 353 5.40 3.30 -8.66
CA ARG A 353 5.80 2.24 -7.75
C ARG A 353 4.55 1.49 -7.28
N GLY A 354 4.73 0.35 -6.63
CA GLY A 354 3.59 -0.45 -6.20
C GLY A 354 3.03 -0.03 -4.85
N SER A 355 1.77 -0.39 -4.57
CA SER A 355 1.11 -0.07 -3.29
C SER A 355 0.12 -1.15 -2.89
N PHE A 356 0.00 -1.40 -1.58
CA PHE A 356 -1.17 -2.07 -1.02
C PHE A 356 -1.99 -0.98 -0.38
N VAL A 357 -3.24 -0.79 -0.77
CA VAL A 357 -4.10 0.19 -0.10
C VAL A 357 -5.43 -0.40 0.37
N GLY A 358 -5.77 -0.16 1.64
CA GLY A 358 -7.03 -0.64 2.19
C GLY A 358 -6.89 -1.67 3.29
N LEU A 359 -5.74 -1.69 3.96
CA LEU A 359 -5.47 -2.72 4.96
C LEU A 359 -6.22 -2.49 6.29
N THR A 360 -6.55 -3.59 6.93
CA THR A 360 -7.27 -3.61 8.18
C THR A 360 -6.80 -4.90 8.82
N ARG A 361 -7.10 -5.13 10.09
CA ARG A 361 -6.64 -6.33 10.77
C ARG A 361 -7.34 -7.59 10.22
N HIS A 363 -7.22 -8.23 7.07
CA HIS A 363 -6.35 -8.66 5.97
C HIS A 363 -5.13 -9.40 6.46
N GLN A 364 -5.16 -10.73 6.31
CA GLN A 364 -4.05 -11.57 6.70
C GLN A 364 -3.26 -11.97 5.45
N LYS A 365 -2.34 -12.92 5.57
CA LYS A 365 -1.51 -13.29 4.41
C LYS A 365 -2.34 -13.66 3.16
N PRO A 366 -3.40 -14.44 3.32
CA PRO A 366 -4.13 -14.81 2.09
C PRO A 366 -4.69 -13.60 1.36
N GLU A 367 -5.24 -12.63 2.08
CA GLU A 367 -5.74 -11.40 1.47
C GLU A 367 -4.65 -10.63 0.72
N ALA A 369 -1.79 -11.93 -0.51
CA ALA A 369 -1.38 -12.79 -1.62
C ALA A 369 -2.36 -12.64 -2.77
N ARG A 370 -3.65 -12.73 -2.45
CA ARG A 370 -4.65 -12.68 -3.50
C ARG A 370 -4.76 -11.29 -4.11
N ALA A 371 -4.60 -10.25 -3.29
CA ALA A 371 -4.64 -8.89 -3.80
C ALA A 371 -3.57 -8.67 -4.84
N VAL A 372 -2.41 -9.30 -4.65
CA VAL A 372 -1.32 -9.16 -5.62
C VAL A 372 -1.77 -9.73 -6.96
N ILE A 373 -2.33 -10.95 -6.94
CA ILE A 373 -2.77 -11.60 -8.17
C ILE A 373 -3.87 -10.80 -8.83
N GLU A 374 -4.85 -10.37 -8.03
CA GLU A 374 -5.93 -9.55 -8.55
C GLU A 374 -5.46 -8.20 -9.12
N GLY A 375 -4.49 -7.58 -8.45
CA GLY A 375 -3.95 -6.31 -8.90
C GLY A 375 -3.23 -6.46 -10.23
N ILE A 376 -2.43 -7.52 -10.35
CA ILE A 376 -1.72 -7.81 -11.59
C ILE A 376 -2.74 -7.89 -12.74
N ILE A 377 -3.81 -8.62 -12.52
CA ILE A 377 -4.86 -8.81 -13.54
C ILE A 377 -5.67 -7.54 -13.79
N PHE A 378 -5.99 -6.82 -12.70
CA PHE A 378 -6.71 -5.55 -12.82
C PHE A 378 -5.92 -4.58 -13.73
N ASN A 379 -4.60 -4.55 -13.55
CA ASN A 379 -3.75 -3.65 -14.31
C ASN A 379 -3.87 -3.99 -15.81
N LEU A 380 -3.82 -5.28 -16.12
CA LEU A 380 -4.00 -5.78 -17.49
C LEU A 380 -5.38 -5.45 -18.02
N TYR A 381 -6.39 -5.51 -17.16
CA TYR A 381 -7.75 -5.23 -17.59
C TYR A 381 -7.90 -3.74 -17.83
N ASP A 382 -7.15 -2.96 -17.05
CA ASP A 382 -7.09 -1.50 -17.21
C ASP A 382 -6.54 -1.18 -18.61
N ALA A 383 -5.44 -1.84 -18.99
CA ALA A 383 -4.85 -1.63 -20.31
C ALA A 383 -5.81 -2.12 -21.40
N ALA A 384 -6.35 -3.32 -21.24
CA ALA A 384 -7.34 -3.85 -22.20
C ALA A 384 -8.53 -2.90 -22.41
N SER A 385 -9.03 -2.33 -21.32
CA SER A 385 -10.18 -1.44 -21.37
C SER A 385 -9.91 -0.16 -22.15
N ASN A 386 -8.65 0.30 -22.15
CA ASN A 386 -8.27 1.44 -22.99
C ASN A 386 -8.46 1.13 -24.48
N LEU A 387 -8.14 -0.11 -24.86
CA LEU A 387 -8.26 -0.58 -26.24
C LEU A 387 -9.72 -0.64 -26.71
N ILE A 388 -10.55 -1.26 -25.89
CA ILE A 388 -11.95 -1.55 -26.20
C ILE A 388 -12.77 -0.28 -26.13
N LYS A 389 -12.56 0.48 -25.07
CA LYS A 389 -13.31 1.70 -24.81
C LYS A 389 -14.81 1.39 -24.81
N ASN A 390 -15.52 1.93 -25.80
CA ASN A 390 -16.95 1.69 -25.90
C ASN A 390 -17.28 0.92 -27.18
N THR A 391 -16.29 0.23 -27.74
CA THR A 391 -16.50 -0.61 -28.91
C THR A 391 -17.03 -1.99 -28.47
N LYS A 392 -17.27 -2.86 -29.44
CA LYS A 392 -17.69 -4.22 -29.11
C LYS A 392 -16.67 -4.84 -28.16
N LYS A 393 -17.13 -5.36 -27.03
CA LYS A 393 -16.28 -6.21 -26.21
C LYS A 393 -15.90 -7.38 -27.10
N PRO A 394 -14.64 -7.81 -27.06
CA PRO A 394 -14.24 -8.99 -27.84
C PRO A 394 -15.02 -10.18 -27.30
N VAL A 395 -15.21 -11.21 -28.11
CA VAL A 395 -15.99 -12.38 -27.66
C VAL A 395 -15.10 -13.43 -26.98
N ALA A 396 -13.79 -13.20 -27.00
CA ALA A 396 -12.87 -14.11 -26.35
C ALA A 396 -11.52 -13.43 -26.21
N ILE A 397 -10.77 -13.85 -25.20
CA ILE A 397 -9.40 -13.46 -25.01
C ILE A 397 -8.58 -14.71 -25.20
N ASN A 398 -7.73 -14.71 -26.23
CA ASN A 398 -6.81 -15.82 -26.45
C ASN A 398 -5.55 -15.64 -25.63
N ALA A 399 -5.35 -16.54 -24.67
CA ALA A 399 -4.41 -16.33 -23.58
C ALA A 399 -3.25 -17.31 -23.53
N THR A 400 -2.07 -16.78 -23.23
CA THR A 400 -0.87 -17.58 -23.13
C THR A 400 0.01 -16.99 -22.04
N GLY A 401 1.07 -17.70 -21.66
CA GLY A 401 2.07 -17.17 -20.76
C GLY A 401 2.11 -17.87 -19.42
N GLY A 402 3.30 -17.94 -18.83
CA GLY A 402 3.52 -18.67 -17.60
C GLY A 402 2.72 -18.20 -16.40
N PHE A 403 2.30 -16.93 -16.40
CA PHE A 403 1.52 -16.41 -15.28
C PHE A 403 0.11 -17.01 -15.28
N LEU A 404 -0.34 -17.38 -16.48
CA LEU A 404 -1.67 -17.95 -16.69
C LEU A 404 -1.65 -19.48 -16.70
N LYS A 405 -0.66 -20.09 -16.07
CA LYS A 405 -0.56 -21.53 -16.02
C LYS A 405 -1.73 -22.17 -15.29
N SER A 406 -2.08 -21.62 -14.14
CA SER A 406 -3.05 -22.25 -13.26
C SER A 406 -4.48 -21.99 -13.68
N ASP A 407 -5.35 -22.96 -13.43
CA ASP A 407 -6.80 -22.75 -13.56
C ASP A 407 -7.31 -21.57 -12.74
N PHE A 408 -6.72 -21.36 -11.57
CA PHE A 408 -7.20 -20.29 -10.70
C PHE A 408 -6.99 -18.92 -11.42
N VAL A 409 -5.80 -18.70 -11.94
CA VAL A 409 -5.52 -17.43 -12.61
C VAL A 409 -6.32 -17.31 -13.91
N ARG A 410 -6.45 -18.40 -14.65
CA ARG A 410 -7.24 -18.37 -15.88
C ARG A 410 -8.66 -17.93 -15.57
N GLN A 411 -9.24 -18.53 -14.53
CA GLN A 411 -10.62 -18.22 -14.18
C GLN A 411 -10.77 -16.81 -13.66
N LEU A 412 -9.77 -16.40 -12.88
CA LEU A 412 -9.77 -15.05 -12.34
C LEU A 412 -9.76 -14.01 -13.48
N CYS A 413 -8.97 -14.29 -14.52
CA CYS A 413 -8.95 -13.39 -15.69
C CYS A 413 -10.32 -13.34 -16.32
N ALA A 414 -10.92 -14.51 -16.51
CA ALA A 414 -12.27 -14.59 -17.06
C ALA A 414 -13.25 -13.75 -16.23
N ASN A 415 -13.17 -13.90 -14.91
CA ASN A 415 -14.05 -13.17 -14.01
C ASN A 415 -13.85 -11.64 -13.99
N ILE A 416 -12.60 -11.20 -14.08
CA ILE A 416 -12.27 -9.78 -14.14
C ILE A 416 -12.55 -9.15 -15.51
N PHE A 417 -12.08 -9.79 -16.57
CA PHE A 417 -12.37 -9.32 -17.93
C PHE A 417 -13.85 -9.51 -18.31
N ASN A 418 -14.52 -10.47 -17.67
CA ASN A 418 -15.92 -10.78 -17.99
C ASN A 418 -16.11 -11.12 -19.48
N VAL A 419 -15.13 -11.83 -20.03
CA VAL A 419 -15.25 -12.44 -21.36
C VAL A 419 -14.57 -13.81 -21.26
N PRO A 420 -14.96 -14.76 -22.12
CA PRO A 420 -14.33 -16.07 -22.00
C PRO A 420 -12.83 -16.02 -22.27
N ILE A 421 -12.07 -16.80 -21.52
CA ILE A 421 -10.63 -16.93 -21.70
C ILE A 421 -10.36 -18.24 -22.43
N VAL A 422 -9.68 -18.15 -23.57
CA VAL A 422 -9.31 -19.32 -24.36
C VAL A 422 -7.83 -19.57 -24.31
N THR A 423 -7.42 -20.71 -23.76
CA THR A 423 -6.01 -21.05 -23.70
C THR A 423 -5.65 -21.81 -24.96
N LYS A 425 -3.11 -24.44 -27.39
CA LYS A 425 -2.25 -25.62 -27.35
C LYS A 425 -0.78 -25.23 -27.47
N GLU A 426 -0.50 -24.19 -28.26
CA GLU A 426 0.88 -23.75 -28.48
C GLU A 426 1.24 -22.38 -27.88
N GLN A 427 2.16 -22.39 -26.92
CA GLN A 427 2.57 -21.15 -26.30
C GLN A 427 3.54 -20.38 -27.19
N GLN A 428 4.24 -21.08 -28.08
CA GLN A 428 5.22 -20.45 -28.97
C GLN A 428 4.54 -19.88 -30.20
N SER A 429 3.61 -18.96 -29.95
CA SER A 429 2.79 -18.39 -31.01
C SER A 429 3.60 -17.66 -32.08
N GLY A 430 4.73 -17.08 -31.69
CA GLY A 430 5.54 -16.27 -32.60
C GLY A 430 6.24 -17.05 -33.70
N THR A 431 6.97 -18.12 -33.36
CA THR A 431 7.54 -18.98 -34.39
C THR A 431 6.47 -19.70 -35.19
N LEU A 432 5.34 -20.04 -34.55
CA LEU A 432 4.23 -20.68 -35.25
C LEU A 432 3.74 -19.76 -36.38
N ALA A 433 3.50 -18.49 -36.04
CA ALA A 433 3.01 -17.55 -37.03
C ALA A 433 4.08 -17.21 -38.07
N ALA A 434 5.34 -17.22 -37.66
CA ALA A 434 6.43 -17.07 -38.62
C ALA A 434 6.41 -18.21 -39.60
N PHE A 436 3.82 -19.87 -40.38
CA PHE A 436 2.64 -19.66 -41.21
C PHE A 436 2.89 -18.64 -42.37
N LEU A 437 3.61 -17.57 -42.09
CA LEU A 437 3.98 -16.64 -43.16
C LEU A 437 4.74 -17.38 -44.26
N ALA A 438 5.63 -18.29 -43.84
CA ALA A 438 6.37 -19.09 -44.81
C ALA A 438 5.40 -19.91 -45.65
N ARG A 439 4.42 -20.56 -45.00
CA ARG A 439 3.44 -21.34 -45.72
C ARG A 439 2.68 -20.48 -46.73
N GLN A 440 2.36 -19.26 -46.35
CA GLN A 440 1.77 -18.34 -47.31
C GLN A 440 2.71 -18.06 -48.50
N ALA A 441 3.96 -17.73 -48.20
CA ALA A 441 4.92 -17.42 -49.27
C ALA A 441 5.08 -18.61 -50.23
N LEU A 442 5.05 -19.82 -49.68
CA LEU A 442 5.23 -21.04 -50.46
C LEU A 442 3.96 -21.50 -51.17
N GLY A 443 2.86 -20.78 -50.98
CA GLY A 443 1.60 -21.14 -51.61
C GLY A 443 0.82 -22.27 -50.95
N LEU A 444 1.24 -22.69 -49.77
CA LEU A 444 0.58 -23.77 -49.03
C LEU A 444 -0.67 -23.31 -48.27
N ASN A 445 -0.73 -22.00 -47.98
CA ASN A 445 -1.92 -21.39 -47.41
C ASN A 445 -2.13 -20.05 -48.08
N GLN A 446 -3.37 -19.62 -48.17
CA GLN A 446 -3.68 -18.33 -48.77
C GLN A 446 -4.13 -17.25 -47.76
N ASP A 447 -5.31 -17.41 -47.17
CA ASP A 447 -5.84 -16.37 -46.28
C ASP A 447 -5.29 -16.48 -44.86
N LEU A 448 -5.24 -15.35 -44.18
CA LEU A 448 -4.72 -15.30 -42.83
C LEU A 448 -5.50 -16.20 -41.88
N SER A 449 -6.81 -16.26 -42.05
CA SER A 449 -7.69 -17.05 -41.17
C SER A 449 -7.29 -18.51 -41.14
N GLU A 450 -6.56 -18.94 -42.15
CA GLU A 450 -6.17 -20.35 -42.21
C GLU A 450 -5.19 -20.71 -41.10
N ILE A 451 -4.58 -19.72 -40.45
CA ILE A 451 -3.64 -19.97 -39.35
C ILE A 451 -4.34 -20.72 -38.21
N GLY A 452 -5.65 -20.60 -38.17
CA GLY A 452 -6.46 -21.31 -37.18
C GLY A 452 -6.21 -22.81 -37.14
N GLN A 453 -5.79 -23.39 -38.26
CA GLN A 453 -5.60 -24.83 -38.23
C GLN A 453 -4.33 -25.20 -37.48
N PHE A 454 -3.46 -24.23 -37.31
CA PHE A 454 -2.19 -24.46 -36.63
C PHE A 454 -2.24 -23.95 -35.20
N ALA A 455 -2.88 -22.81 -35.02
CA ALA A 455 -2.98 -22.15 -33.74
C ALA A 455 -4.28 -22.60 -33.12
N GLN A 456 -4.27 -23.77 -32.50
CA GLN A 456 -5.50 -24.34 -31.99
C GLN A 456 -5.75 -24.06 -30.50
N ALA A 457 -7.02 -23.91 -30.17
CA ALA A 457 -7.49 -23.64 -28.81
C ALA A 457 -7.48 -24.90 -27.96
N ASP A 458 -7.18 -24.76 -26.68
CA ASP A 458 -7.08 -25.89 -25.78
C ASP A 458 -8.27 -25.95 -24.83
N LYS A 459 -8.32 -25.02 -23.88
CA LYS A 459 -9.40 -24.95 -22.89
C LYS A 459 -10.10 -23.59 -22.90
N VAL A 460 -11.38 -23.55 -22.57
CA VAL A 460 -12.10 -22.28 -22.46
C VAL A 460 -12.59 -22.09 -21.00
N TYR A 461 -12.48 -20.87 -20.51
CA TYR A 461 -12.95 -20.54 -19.17
C TYR A 461 -14.00 -19.44 -19.27
N PHE A 462 -15.25 -19.76 -18.90
CA PHE A 462 -16.30 -18.73 -18.92
C PHE A 462 -16.37 -17.97 -17.61
N PRO A 463 -16.71 -16.68 -17.67
CA PRO A 463 -16.86 -15.87 -16.46
C PRO A 463 -17.89 -16.49 -15.53
N ASN A 464 -17.54 -16.63 -14.25
CA ASN A 464 -18.51 -16.98 -13.22
C ASN A 464 -19.25 -15.69 -12.83
N PRO A 465 -20.57 -15.67 -13.06
CA PRO A 465 -21.42 -14.46 -12.91
C PRO A 465 -21.31 -13.81 -11.53
N LYS A 466 -21.27 -14.64 -10.48
CA LYS A 466 -21.19 -14.15 -9.11
C LYS A 466 -19.89 -13.37 -8.88
N GLU A 467 -18.75 -14.03 -9.09
CA GLU A 467 -17.44 -13.35 -8.97
C GLU A 467 -17.29 -12.19 -9.96
N ALA A 468 -17.78 -12.37 -11.18
CA ALA A 468 -17.69 -11.29 -12.17
C ALA A 468 -18.33 -10.03 -11.63
N ALA A 469 -19.47 -10.18 -10.96
CA ALA A 469 -20.13 -9.04 -10.34
C ALA A 469 -19.29 -8.41 -9.22
N THR A 470 -18.67 -9.27 -8.42
CA THR A 470 -17.82 -8.76 -7.33
C THR A 470 -16.71 -7.89 -7.93
N TYR A 471 -16.04 -8.42 -8.95
CA TYR A 471 -14.93 -7.71 -9.57
C TYR A 471 -15.40 -6.46 -10.29
N GLN A 472 -16.59 -6.52 -10.84
CA GLN A 472 -17.14 -5.37 -11.55
C GLN A 472 -17.37 -4.21 -10.59
N LYS A 473 -17.72 -4.54 -9.34
CA LYS A 473 -17.90 -3.52 -8.35
C LYS A 473 -16.55 -3.06 -7.78
N LEU A 474 -15.58 -3.96 -7.74
CA LEU A 474 -14.28 -3.64 -7.14
C LEU A 474 -13.32 -2.89 -8.08
N PHE A 475 -13.44 -3.09 -9.39
CA PHE A 475 -12.58 -2.40 -10.34
C PHE A 475 -12.61 -0.85 -10.23
N PRO A 476 -13.82 -0.28 -10.04
CA PRO A 476 -13.84 1.18 -9.87
C PRO A 476 -13.03 1.64 -8.66
N LEU A 477 -13.02 0.86 -7.58
CA LEU A 477 -12.20 1.22 -6.42
C LEU A 477 -10.71 1.14 -6.75
N TYR A 478 -10.32 0.11 -7.52
CA TYR A 478 -8.93 -0.01 -7.97
C TYR A 478 -8.53 1.25 -8.73
N CYS A 479 -9.40 1.74 -9.61
CA CYS A 479 -9.13 2.94 -10.39
C CYS A 479 -9.11 4.20 -9.53
N GLU A 480 -9.92 4.21 -8.48
CA GLU A 480 -9.93 5.35 -7.55
C GLU A 480 -8.58 5.46 -6.86
N ILE A 481 -8.04 4.33 -6.39
CA ILE A 481 -6.77 4.33 -5.66
C ILE A 481 -5.61 4.69 -6.60
N ARG A 482 -5.64 4.14 -7.81
CA ARG A 482 -4.65 4.49 -8.83
C ARG A 482 -4.67 5.99 -9.12
N ASN A 483 -5.87 6.54 -9.30
CA ASN A 483 -6.03 7.96 -9.56
C ASN A 483 -5.49 8.79 -8.39
N ALA A 484 -5.76 8.35 -7.17
CA ALA A 484 -5.41 9.14 -5.99
C ALA A 484 -3.89 9.28 -5.88
N LEU A 485 -3.18 8.24 -6.29
CA LEU A 485 -1.73 8.18 -6.16
C LEU A 485 -0.97 8.56 -7.44
N ALA A 486 -1.68 8.72 -8.55
CA ALA A 486 -1.02 8.94 -9.84
C ALA A 486 0.03 10.07 -9.83
N ALA A 487 -0.26 11.16 -9.14
CA ALA A 487 0.67 12.28 -9.13
C ALA A 487 1.70 12.23 -8.00
N SER A 488 1.78 11.11 -7.28
CA SER A 488 2.61 11.07 -6.08
C SER A 488 3.95 10.33 -6.21
N TYR A 489 4.24 9.79 -7.39
CA TYR A 489 5.40 8.90 -7.55
C TYR A 489 6.75 9.62 -7.69
N GLY A 490 6.73 10.85 -8.21
CA GLY A 490 7.94 11.58 -8.47
C GLY A 490 8.67 11.86 -7.18
N LYS A 491 7.87 11.96 -6.13
CA LYS A 491 8.33 12.21 -4.77
C LYS A 491 9.35 11.16 -4.29
N PHE A 492 9.14 9.90 -4.66
CA PHE A 492 9.98 8.79 -4.17
C PHE A 492 11.43 8.83 -4.65
N SER A 493 11.78 9.88 -5.40
CA SER A 493 13.10 9.93 -6.01
C SER A 493 13.39 11.28 -6.65
N LEU B 3 2.04 1.04 60.82
CA LEU B 3 2.44 0.94 59.42
C LEU B 3 1.27 1.26 58.49
N LYS B 4 1.43 2.30 57.69
CA LYS B 4 0.37 2.75 56.80
C LYS B 4 0.70 2.54 55.32
N TYR B 5 -0.33 2.24 54.54
CA TYR B 5 -0.17 1.99 53.13
C TYR B 5 -1.16 2.82 52.33
N ILE B 6 -0.90 2.94 51.03
CA ILE B 6 -1.83 3.59 50.14
C ILE B 6 -2.15 2.67 48.98
N ILE B 7 -3.43 2.60 48.64
CA ILE B 7 -3.86 1.80 47.50
C ILE B 7 -4.14 2.69 46.32
N GLY B 8 -3.51 2.41 45.18
CA GLY B 8 -3.83 3.09 43.95
C GLY B 8 -4.61 2.18 43.03
N ASP B 10 -6.63 1.36 39.37
CA ASP B 10 -6.78 1.72 37.98
C ASP B 10 -7.98 1.01 37.36
N VAL B 11 -9.06 1.75 37.22
CA VAL B 11 -10.30 1.21 36.70
C VAL B 11 -10.28 1.33 35.18
N GLY B 12 -9.67 0.33 34.55
CA GLY B 12 -9.54 0.33 33.11
C GLY B 12 -10.70 -0.36 32.41
N THR B 13 -10.68 -0.28 31.09
CA THR B 13 -11.51 -1.11 30.24
C THR B 13 -11.08 -2.57 30.44
N THR B 14 -12.05 -3.47 30.55
CA THR B 14 -11.79 -4.91 30.67
C THR B 14 -11.14 -5.39 31.97
N ALA B 15 -10.37 -4.53 32.63
CA ALA B 15 -9.80 -4.92 33.93
C ALA B 15 -9.52 -3.75 34.88
N THR B 16 -9.63 -4.00 36.17
CA THR B 16 -9.16 -3.05 37.16
C THR B 16 -7.90 -3.60 37.83
N LYS B 17 -6.94 -2.72 38.11
CA LYS B 17 -5.72 -3.13 38.77
C LYS B 17 -5.51 -2.29 40.01
N GLY B 18 -5.29 -2.94 41.14
CA GLY B 18 -4.95 -2.24 42.35
C GLY B 18 -3.49 -2.45 42.68
N VAL B 19 -2.83 -1.40 43.16
CA VAL B 19 -1.46 -1.51 43.63
C VAL B 19 -1.38 -0.95 45.05
N LEU B 20 -0.74 -1.71 45.93
CA LEU B 20 -0.53 -1.31 47.32
C LEU B 20 0.86 -0.71 47.47
N TYR B 21 0.93 0.54 47.90
CA TYR B 21 2.21 1.22 48.11
C TYR B 21 2.48 1.42 49.60
N ASP B 22 3.74 1.27 50.00
CA ASP B 22 4.12 1.57 51.37
C ASP B 22 4.29 3.09 51.55
N ILE B 23 4.69 3.52 52.73
CA ILE B 23 4.65 4.94 53.09
C ILE B 23 5.72 5.77 52.37
N ASN B 24 6.68 5.09 51.76
CA ASN B 24 7.71 5.76 50.96
C ASN B 24 7.42 5.71 49.45
N GLY B 25 6.19 5.39 49.10
CA GLY B 25 5.78 5.34 47.70
C GLY B 25 6.25 4.11 46.97
N LYS B 26 6.81 3.15 47.70
CA LYS B 26 7.24 1.88 47.10
C LYS B 26 6.08 0.90 46.96
N ALA B 27 5.85 0.42 45.74
CA ALA B 27 4.85 -0.62 45.51
C ALA B 27 5.26 -1.92 46.19
N VAL B 28 4.38 -2.50 47.00
CA VAL B 28 4.69 -3.73 47.72
C VAL B 28 3.86 -4.94 47.27
N ALA B 29 2.76 -4.67 46.58
CA ALA B 29 1.92 -5.73 46.02
C ALA B 29 0.92 -5.17 45.01
N SER B 30 0.41 -6.02 44.13
CA SER B 30 -0.69 -5.65 43.25
C SER B 30 -1.62 -6.83 42.97
N VAL B 31 -2.83 -6.52 42.52
CA VAL B 31 -3.84 -7.51 42.21
C VAL B 31 -4.73 -6.92 41.12
N SER B 32 -5.18 -7.74 40.19
CA SER B 32 -6.08 -7.25 39.17
C SER B 32 -7.19 -8.24 38.87
N LYS B 33 -8.33 -7.72 38.40
CA LYS B 33 -9.47 -8.55 38.09
C LYS B 33 -10.12 -8.01 36.82
N GLY B 34 -10.55 -8.93 35.97
CA GLY B 34 -11.11 -8.56 34.68
C GLY B 34 -12.63 -8.59 34.67
N TYR B 35 -13.21 -8.01 33.64
CA TYR B 35 -14.66 -8.09 33.45
C TYR B 35 -14.91 -8.04 31.94
N PRO B 36 -15.94 -8.76 31.47
CA PRO B 36 -16.25 -8.91 30.05
C PRO B 36 -16.61 -7.59 29.38
N LEU B 37 -16.32 -7.46 28.09
CA LEU B 37 -16.92 -6.42 27.30
C LEU B 37 -18.26 -6.92 26.77
N ILE B 38 -19.27 -6.07 26.78
CA ILE B 38 -20.57 -6.40 26.23
C ILE B 38 -20.69 -5.86 24.80
N GLN B 39 -20.52 -6.76 23.83
CA GLN B 39 -20.64 -6.41 22.41
C GLN B 39 -21.69 -7.29 21.76
N THR B 40 -22.96 -6.94 21.87
CA THR B 40 -23.99 -7.73 21.21
C THR B 40 -24.00 -7.45 19.72
N LYS B 41 -23.71 -6.22 19.34
CA LYS B 41 -23.65 -5.84 17.93
C LYS B 41 -22.41 -5.02 17.63
N VAL B 42 -22.21 -4.69 16.36
CA VAL B 42 -21.04 -3.91 15.94
C VAL B 42 -21.08 -2.50 16.51
N GLY B 43 -19.91 -2.01 16.92
CA GLY B 43 -19.79 -0.67 17.47
C GLY B 43 -20.08 -0.60 18.96
N GLN B 44 -20.76 -1.60 19.48
CA GLN B 44 -21.16 -1.56 20.90
C GLN B 44 -20.01 -1.98 21.80
N ALA B 45 -19.82 -1.24 22.90
CA ALA B 45 -18.80 -1.55 23.88
C ALA B 45 -19.25 -1.13 25.27
N GLU B 46 -19.86 -2.05 26.01
CA GLU B 46 -20.38 -1.75 27.34
C GLU B 46 -19.74 -2.63 28.39
N GLU B 47 -19.82 -2.21 29.63
CA GLU B 47 -19.53 -3.11 30.73
C GLU B 47 -20.51 -2.92 31.88
N ASP B 48 -20.70 -3.98 32.65
CA ASP B 48 -21.62 -3.98 33.79
C ASP B 48 -20.93 -3.35 34.99
N PRO B 49 -21.43 -2.19 35.44
CA PRO B 49 -20.86 -1.47 36.58
C PRO B 49 -20.91 -2.25 37.89
N LYS B 50 -21.87 -3.15 38.06
CA LYS B 50 -21.90 -3.98 39.26
C LYS B 50 -20.72 -4.94 39.22
N LEU B 51 -20.48 -5.50 38.05
CA LEU B 51 -19.32 -6.37 37.85
C LEU B 51 -18.03 -5.64 38.20
N ILE B 52 -17.89 -4.43 37.66
CA ILE B 52 -16.71 -3.61 37.93
C ILE B 52 -16.61 -3.33 39.42
N PHE B 53 -17.73 -2.94 40.04
CA PHE B 53 -17.68 -2.62 41.46
C PHE B 53 -17.33 -3.86 42.30
N ASP B 54 -17.83 -5.02 41.89
CA ASP B 54 -17.45 -6.27 42.55
C ASP B 54 -15.93 -6.48 42.50
N ALA B 55 -15.35 -6.31 41.32
CA ALA B 55 -13.90 -6.42 41.17
C ALA B 55 -13.15 -5.47 42.09
N VAL B 56 -13.61 -4.23 42.18
CA VAL B 56 -12.99 -3.23 43.04
C VAL B 56 -12.94 -3.69 44.51
N GLN B 57 -14.05 -4.20 45.01
CA GLN B 57 -14.09 -4.70 46.38
C GLN B 57 -13.11 -5.84 46.61
N GLU B 58 -13.13 -6.83 45.71
CA GLU B 58 -12.26 -8.00 45.83
C GLU B 58 -10.79 -7.56 45.90
N ILE B 59 -10.40 -6.75 44.92
CA ILE B 59 -9.04 -6.24 44.83
C ILE B 59 -8.62 -5.53 46.12
N ILE B 60 -9.43 -4.61 46.59
CA ILE B 60 -9.07 -3.85 47.78
C ILE B 60 -8.95 -4.80 48.96
N PHE B 61 -9.91 -5.71 49.08
CA PHE B 61 -9.84 -6.69 50.16
C PHE B 61 -8.58 -7.54 50.04
N ASP B 62 -8.33 -8.03 48.85
CA ASP B 62 -7.16 -8.87 48.62
C ASP B 62 -5.87 -8.16 49.00
N LEU B 63 -5.76 -6.89 48.63
CA LEU B 63 -4.57 -6.13 48.96
C LEU B 63 -4.42 -5.96 50.48
N THR B 64 -5.52 -5.68 51.18
CA THR B 64 -5.47 -5.53 52.64
C THR B 64 -5.02 -6.82 53.32
N GLN B 65 -5.37 -7.95 52.73
CA GLN B 65 -4.97 -9.26 53.28
C GLN B 65 -3.47 -9.51 53.14
N LYS B 66 -2.77 -8.64 52.43
CA LYS B 66 -1.35 -8.83 52.19
C LYS B 66 -0.46 -8.19 53.23
N ILE B 67 -1.02 -7.35 54.08
CA ILE B 67 -0.20 -6.63 55.06
C ILE B 67 -0.82 -6.56 56.44
N ASP B 68 0.00 -6.28 57.44
CA ASP B 68 -0.49 -5.93 58.77
C ASP B 68 -0.28 -4.45 59.02
N GLY B 69 -1.33 -3.66 58.79
CA GLY B 69 -1.26 -2.23 58.98
C GLY B 69 -2.56 -1.56 58.56
N LYS B 70 -2.56 -0.24 58.50
CA LYS B 70 -3.74 0.49 58.06
C LYS B 70 -3.60 0.90 56.59
N ILE B 71 -4.72 0.93 55.88
CA ILE B 71 -4.76 1.60 54.59
C ILE B 71 -5.12 3.06 54.88
N ALA B 72 -4.18 3.98 54.67
CA ALA B 72 -4.48 5.38 54.97
C ALA B 72 -5.42 5.97 53.93
N ALA B 73 -5.35 5.46 52.70
CA ALA B 73 -6.13 6.06 51.63
C ALA B 73 -6.22 5.17 50.40
N ILE B 74 -7.28 5.39 49.64
CA ILE B 74 -7.52 4.67 48.40
C ILE B 74 -7.77 5.73 47.34
N SER B 75 -6.93 5.70 46.31
CA SER B 75 -6.98 6.71 45.25
C SER B 75 -7.29 6.06 43.91
N TRP B 76 -7.73 6.88 42.96
CA TRP B 76 -8.33 6.36 41.75
C TRP B 76 -7.75 6.95 40.47
N SER B 77 -7.42 6.07 39.53
CA SER B 77 -7.08 6.45 38.17
C SER B 77 -8.12 5.74 37.32
N SER B 78 -8.80 6.45 36.44
CA SER B 78 -9.95 5.83 35.78
C SER B 78 -9.99 6.02 34.29
N GLN B 79 -10.55 5.04 33.59
CA GLN B 79 -10.87 5.18 32.19
C GLN B 79 -11.74 6.42 32.00
N HIS B 81 -14.51 9.04 29.59
CA HIS B 81 -15.61 9.09 28.64
C HIS B 81 -16.71 8.04 28.90
N SER B 82 -16.64 7.31 30.01
CA SER B 82 -17.70 6.34 30.30
C SER B 82 -18.99 7.09 30.66
N LEU B 83 -20.13 6.42 30.45
CA LEU B 83 -21.41 7.06 30.69
C LEU B 83 -22.40 6.03 31.25
N ILE B 84 -22.92 6.32 32.42
CA ILE B 84 -23.90 5.48 33.12
C ILE B 84 -25.08 6.37 33.51
N GLY B 85 -26.30 5.87 33.36
CA GLY B 85 -27.47 6.60 33.83
C GLY B 85 -28.10 5.96 35.05
N LEU B 86 -28.42 6.76 36.06
CA LEU B 86 -29.17 6.27 37.23
C LEU B 86 -30.62 6.74 37.20
N GLY B 87 -31.53 5.88 37.67
CA GLY B 87 -32.93 6.24 37.79
C GLY B 87 -33.21 6.99 39.09
N SER B 88 -34.48 7.31 39.31
CA SER B 88 -34.89 8.04 40.53
C SER B 88 -34.62 7.24 41.80
N ASP B 89 -34.57 5.92 41.67
CA ASP B 89 -34.23 5.08 42.83
C ASP B 89 -32.72 4.92 43.00
N ASP B 90 -31.95 5.58 42.12
CA ASP B 90 -30.49 5.47 42.09
C ASP B 90 -29.96 4.14 41.54
N GLU B 91 -30.84 3.29 41.03
CA GLU B 91 -30.41 2.04 40.41
C GLU B 91 -29.95 2.28 38.96
N LEU B 92 -29.20 1.33 38.40
CA LEU B 92 -28.67 1.48 37.05
C LEU B 92 -29.77 1.40 36.00
N LEU B 93 -29.84 2.42 35.15
CA LEU B 93 -30.70 2.37 33.98
C LEU B 93 -29.95 1.79 32.78
N THR B 94 -28.63 1.93 32.81
CA THR B 94 -27.80 1.48 31.70
C THR B 94 -26.56 0.77 32.21
N ASN B 95 -25.82 0.15 31.31
CA ASN B 95 -24.47 -0.30 31.61
C ASN B 95 -23.51 0.87 31.43
N SER B 96 -22.25 0.66 31.79
CA SER B 96 -21.23 1.65 31.49
C SER B 96 -20.96 1.63 30.00
N ILE B 97 -21.35 2.70 29.32
CA ILE B 97 -21.08 2.83 27.90
C ILE B 97 -19.67 3.42 27.69
N THR B 98 -18.71 2.56 27.40
CA THR B 98 -17.31 2.98 27.34
C THR B 98 -16.97 3.91 26.18
N TRP B 99 -15.77 4.47 26.25
CA TRP B 99 -15.24 5.33 25.20
C TRP B 99 -15.25 4.65 23.83
N ALA B 100 -15.15 3.32 23.80
CA ALA B 100 -15.00 2.58 22.54
C ALA B 100 -16.32 2.43 21.81
N ASP B 101 -17.41 2.64 22.55
CA ASP B 101 -18.75 2.43 21.99
C ASP B 101 -19.04 3.43 20.89
N ASN B 102 -19.57 2.92 19.77
CA ASN B 102 -19.75 3.72 18.57
C ASN B 102 -21.19 4.20 18.31
N CYS B 103 -22.09 3.94 19.24
CA CYS B 103 -23.49 4.26 19.01
C CYS B 103 -23.73 5.66 18.43
N ALA B 104 -22.94 6.65 18.87
CA ALA B 104 -23.20 8.04 18.51
C ALA B 104 -22.52 8.53 17.23
N LYS B 105 -21.92 7.60 16.49
CA LYS B 105 -21.12 7.98 15.32
C LYS B 105 -21.91 8.81 14.31
N SER B 106 -23.18 8.46 14.08
CA SER B 106 -24.02 9.22 13.17
C SER B 106 -24.31 10.62 13.70
N ILE B 107 -24.55 10.71 15.00
CA ILE B 107 -24.87 11.99 15.65
C ILE B 107 -23.71 12.96 15.53
N VAL B 108 -22.50 12.43 15.63
CA VAL B 108 -21.31 13.27 15.50
C VAL B 108 -21.16 13.77 14.08
N GLN B 109 -21.40 12.90 13.11
CA GLN B 109 -21.25 13.29 11.72
C GLN B 109 -22.20 14.47 11.44
N ASP B 110 -23.45 14.32 11.84
CA ASP B 110 -24.45 15.38 11.67
C ASP B 110 -24.05 16.68 12.37
N ALA B 111 -23.65 16.59 13.64
CA ALA B 111 -23.21 17.77 14.38
C ALA B 111 -22.03 18.45 13.67
N LYS B 112 -21.20 17.64 13.03
CA LYS B 112 -20.01 18.12 12.36
C LYS B 112 -20.39 18.91 11.11
N ASN B 113 -21.43 18.44 10.43
CA ASN B 113 -21.94 19.13 9.25
C ASN B 113 -22.61 20.46 9.59
N ARG B 114 -23.34 20.50 10.70
CA ARG B 114 -24.04 21.70 11.11
C ARG B 114 -23.15 22.71 11.81
N GLY B 115 -21.92 22.31 12.14
CA GLY B 115 -20.99 23.20 12.81
C GLY B 115 -21.15 23.22 14.31
N PHE B 116 -21.93 22.27 14.82
CA PHE B 116 -22.15 22.15 16.26
C PHE B 116 -21.00 21.40 16.93
N ALA B 117 -20.53 20.32 16.31
CA ALA B 117 -19.37 19.59 16.80
C ALA B 117 -18.16 20.52 16.98
N GLN B 118 -17.98 21.43 16.02
CA GLN B 118 -16.91 22.43 16.12
C GLN B 118 -17.14 23.31 17.35
N GLN B 119 -18.40 23.67 17.58
CA GLN B 119 -18.79 24.49 18.73
C GLN B 119 -18.48 23.80 20.05
N ILE B 120 -18.81 22.53 20.12
CA ILE B 120 -18.50 21.73 21.30
C ILE B 120 -16.99 21.73 21.55
N TYR B 121 -16.20 21.58 20.49
CA TYR B 121 -14.74 21.58 20.63
C TYR B 121 -14.23 22.91 21.15
N ARG B 122 -14.72 23.99 20.55
CA ARG B 122 -14.33 25.35 20.93
C ARG B 122 -14.63 25.57 22.42
N LYS B 123 -15.72 25.01 22.90
CA LYS B 123 -16.18 25.30 24.26
C LYS B 123 -15.49 24.44 25.31
N THR B 124 -15.19 23.19 24.95
CA THR B 124 -14.81 22.17 25.95
C THR B 124 -13.50 21.44 25.69
N GLY B 125 -12.94 21.58 24.49
CA GLY B 125 -11.67 20.95 24.16
C GLY B 125 -11.83 19.49 23.75
N PRO B 127 -12.56 16.66 21.13
CA PRO B 127 -12.53 16.41 19.69
C PRO B 127 -13.86 15.84 19.19
N HIS B 129 -15.69 13.36 18.18
CA HIS B 129 -15.67 11.91 18.19
C HIS B 129 -16.74 11.37 19.14
N PRO B 130 -17.39 10.25 18.76
CA PRO B 130 -18.51 9.61 19.49
C PRO B 130 -18.14 9.01 20.85
N ALA B 132 -17.30 10.65 23.34
CA ALA B 132 -17.70 11.65 24.32
C ALA B 132 -19.11 11.45 24.86
N PRO B 133 -19.25 11.48 26.19
CA PRO B 133 -20.56 11.51 26.84
C PRO B 133 -21.56 12.47 26.19
N ILE B 134 -21.15 13.69 25.88
CA ILE B 134 -22.08 14.64 25.30
C ILE B 134 -22.78 14.07 24.07
N TYR B 135 -22.04 13.41 23.19
CA TYR B 135 -22.61 12.83 21.97
C TYR B 135 -23.48 11.60 22.27
N LYS B 136 -23.03 10.78 23.22
CA LYS B 136 -23.82 9.64 23.65
C LYS B 136 -25.15 10.10 24.27
N LEU B 137 -25.13 11.21 24.99
CA LEU B 137 -26.36 11.76 25.57
C LEU B 137 -27.29 12.20 24.46
N LEU B 138 -26.77 12.95 23.51
CA LEU B 138 -27.55 13.35 22.34
C LEU B 138 -28.17 12.12 21.66
N TRP B 139 -27.41 11.04 21.53
CA TRP B 139 -27.92 9.85 20.87
C TRP B 139 -29.04 9.20 21.68
N LEU B 140 -28.83 9.07 22.98
CA LEU B 140 -29.83 8.49 23.87
C LEU B 140 -31.10 9.32 23.83
N LYS B 141 -30.93 10.64 23.96
CA LYS B 141 -32.06 11.56 23.96
C LYS B 141 -32.94 11.37 22.73
N ASN B 142 -32.38 10.86 21.65
CA ASN B 142 -33.11 10.81 20.39
C ASN B 142 -33.53 9.42 19.92
N LYS B 143 -33.11 8.37 20.62
CA LYS B 143 -33.37 7.01 20.18
C LYS B 143 -33.55 6.03 21.34
N LYS B 144 -33.26 6.49 22.55
CA LYS B 144 -33.51 5.73 23.77
C LYS B 144 -34.30 6.63 24.72
N THR B 145 -35.34 7.25 24.17
CA THR B 145 -36.08 8.30 24.86
C THR B 145 -36.68 7.83 26.17
N GLU B 146 -37.05 6.57 26.22
CA GLU B 146 -37.55 5.97 27.44
C GLU B 146 -36.57 6.21 28.57
N VAL B 147 -35.38 5.63 28.43
CA VAL B 147 -34.38 5.70 29.50
C VAL B 147 -33.88 7.12 29.67
N PHE B 148 -33.84 7.90 28.59
CA PHE B 148 -33.41 9.29 28.72
C PHE B 148 -34.36 10.02 29.65
N SER B 149 -35.65 9.74 29.51
CA SER B 149 -36.69 10.36 30.30
C SER B 149 -36.52 10.10 31.81
N GLN B 150 -36.20 8.87 32.17
CA GLN B 150 -36.13 8.51 33.60
C GLN B 150 -34.78 8.74 34.27
N ALA B 151 -33.74 8.97 33.47
CA ALA B 151 -32.42 9.21 34.01
C ALA B 151 -32.40 10.46 34.88
N GLN B 152 -32.03 10.29 36.14
CA GLN B 152 -31.93 11.42 37.07
C GLN B 152 -30.48 11.83 37.28
N LYS B 153 -29.56 10.90 37.06
CA LYS B 153 -28.15 11.19 37.14
C LYS B 153 -27.42 10.56 35.94
N TRP B 154 -26.56 11.35 35.31
CA TRP B 154 -25.65 10.88 34.27
C TRP B 154 -24.23 10.96 34.78
N ILE B 155 -23.56 9.82 34.89
CA ILE B 155 -22.27 9.78 35.56
C ILE B 155 -21.32 8.83 34.85
N GLY B 156 -20.10 8.72 35.35
CA GLY B 156 -19.12 7.79 34.79
C GLY B 156 -18.81 6.69 35.79
N ILE B 157 -17.96 5.75 35.39
CA ILE B 157 -17.65 4.60 36.24
C ILE B 157 -16.96 4.97 37.56
N LYS B 158 -16.05 5.95 37.52
CA LYS B 158 -15.40 6.36 38.76
C LYS B 158 -16.44 6.95 39.73
N GLU B 159 -17.39 7.72 39.19
CA GLU B 159 -18.47 8.30 39.98
C GLU B 159 -19.35 7.20 40.60
N TYR B 160 -19.68 6.18 39.80
CA TYR B 160 -20.50 5.07 40.27
C TYR B 160 -19.86 4.36 41.46
N ILE B 161 -18.57 4.05 41.32
CA ILE B 161 -17.84 3.35 42.37
C ILE B 161 -17.83 4.13 43.69
N ILE B 162 -17.42 5.39 43.61
CA ILE B 162 -17.36 6.26 44.78
C ILE B 162 -18.74 6.48 45.40
N PHE B 163 -19.77 6.55 44.55
CA PHE B 163 -21.14 6.70 45.02
C PHE B 163 -21.60 5.45 45.78
N ARG B 164 -21.26 4.28 45.25
CA ARG B 164 -21.58 3.03 45.94
C ARG B 164 -20.88 2.97 47.30
N LEU B 165 -19.64 3.46 47.35
CA LEU B 165 -18.84 3.36 48.57
C LEU B 165 -19.22 4.40 49.62
N THR B 166 -19.89 5.46 49.19
CA THR B 166 -19.87 6.69 49.96
C THR B 166 -21.21 7.45 49.99
N GLY B 167 -22.07 7.17 49.02
CA GLY B 167 -23.35 7.85 48.93
C GLY B 167 -23.28 9.19 48.22
N LYS B 168 -22.07 9.61 47.86
CA LYS B 168 -21.85 10.93 47.27
C LYS B 168 -21.52 10.86 45.77
N LEU B 169 -22.17 11.71 44.97
CA LEU B 169 -21.93 11.78 43.54
C LEU B 169 -20.97 12.93 43.27
N VAL B 170 -19.70 12.61 43.02
CA VAL B 170 -18.67 13.60 42.83
C VAL B 170 -17.77 13.21 41.66
N THR B 171 -17.45 14.17 40.81
CA THR B 171 -16.45 13.93 39.78
C THR B 171 -15.35 14.95 39.96
N ASP B 172 -14.17 14.65 39.43
CA ASP B 172 -13.05 15.60 39.47
C ASP B 172 -12.96 16.29 38.12
N THR B 173 -12.22 17.41 38.11
CA THR B 173 -12.05 18.22 36.92
C THR B 173 -11.56 17.40 35.71
N THR B 174 -10.54 16.57 35.92
CA THR B 174 -9.95 15.85 34.78
C THR B 174 -10.97 14.91 34.14
N ALA B 176 -14.43 15.27 34.48
CA ALA B 176 -15.37 16.19 33.85
C ALA B 176 -14.85 16.62 32.47
N ALA B 177 -13.53 16.79 32.39
CA ALA B 177 -12.90 17.23 31.14
C ALA B 177 -13.15 16.26 29.99
N GLY B 178 -13.51 15.03 30.30
CA GLY B 178 -13.73 14.04 29.26
C GLY B 178 -15.19 13.80 28.88
N THR B 179 -16.08 14.67 29.33
CA THR B 179 -17.50 14.50 29.03
C THR B 179 -17.91 15.23 27.77
N GLY B 180 -17.20 16.31 27.47
CA GLY B 180 -17.57 17.17 26.35
C GLY B 180 -18.58 18.23 26.76
N ILE B 181 -18.73 18.44 28.07
CA ILE B 181 -19.70 19.40 28.60
C ILE B 181 -19.03 20.45 29.47
N LEU B 182 -17.83 20.17 29.95
CA LEU B 182 -17.11 21.11 30.82
C LEU B 182 -16.54 22.26 30.01
N ASN B 183 -16.99 23.48 30.33
CA ASN B 183 -16.49 24.70 29.70
C ASN B 183 -15.03 24.95 30.05
N LEU B 184 -14.22 25.15 29.02
CA LEU B 184 -12.80 25.45 29.19
C LEU B 184 -12.50 26.68 30.06
N LYS B 185 -13.26 27.76 29.85
CA LYS B 185 -12.94 29.03 30.53
C LYS B 185 -13.42 29.05 31.97
N THR B 186 -14.63 28.56 32.21
CA THR B 186 -15.18 28.64 33.55
C THR B 186 -14.91 27.40 34.40
N LEU B 187 -14.54 26.30 33.75
CA LEU B 187 -14.36 25.03 34.45
C LEU B 187 -15.63 24.65 35.22
N THR B 188 -16.77 24.89 34.61
CA THR B 188 -18.02 24.33 35.10
C THR B 188 -18.87 23.94 33.90
N TRP B 189 -19.96 23.22 34.13
CA TRP B 189 -20.77 22.73 33.03
C TRP B 189 -21.18 23.88 32.11
N ASP B 190 -21.10 23.67 30.80
CA ASP B 190 -21.45 24.71 29.84
C ASP B 190 -22.96 24.84 29.73
N GLN B 191 -23.50 25.97 30.17
CA GLN B 191 -24.95 26.16 30.27
C GLN B 191 -25.64 26.06 28.91
N GLU B 192 -25.04 26.69 27.90
CA GLU B 192 -25.56 26.63 26.55
C GLU B 192 -25.63 25.19 26.05
N LEU B 193 -24.62 24.39 26.37
CA LEU B 193 -24.63 22.97 26.01
C LEU B 193 -25.67 22.18 26.81
N LEU B 194 -25.75 22.44 28.12
CA LEU B 194 -26.77 21.80 28.96
C LEU B 194 -28.18 22.01 28.41
N ASP B 195 -28.48 23.21 27.94
CA ASP B 195 -29.79 23.53 27.38
C ASP B 195 -30.07 22.76 26.09
N ILE B 196 -29.05 22.60 25.25
CA ILE B 196 -29.23 21.83 24.03
C ILE B 196 -29.44 20.36 24.33
N LEU B 197 -28.73 19.86 25.34
CA LEU B 197 -28.88 18.48 25.78
C LEU B 197 -30.22 18.29 26.49
N LYS B 198 -30.78 19.40 27.00
CA LYS B 198 -31.97 19.34 27.84
C LYS B 198 -31.64 18.56 29.12
N ILE B 199 -30.50 18.90 29.70
CA ILE B 199 -30.01 18.26 30.91
C ILE B 199 -29.75 19.34 31.95
N LYS B 200 -30.16 19.10 33.18
CA LYS B 200 -29.99 20.08 34.24
C LYS B 200 -28.72 19.82 35.03
N LYS B 201 -28.02 20.89 35.39
CA LYS B 201 -26.82 20.78 36.19
C LYS B 201 -26.97 19.82 37.38
N GLU B 202 -28.21 19.61 37.81
CA GLU B 202 -28.50 18.73 38.95
C GLU B 202 -28.38 17.25 38.58
N GLN B 203 -28.44 16.97 37.29
CA GLN B 203 -28.36 15.59 36.82
C GLN B 203 -26.92 15.11 36.67
N LEU B 204 -25.98 16.01 36.98
CA LEU B 204 -24.56 15.72 36.84
C LEU B 204 -23.87 15.83 38.19
N PRO B 205 -22.80 15.03 38.38
CA PRO B 205 -22.05 15.09 39.64
C PRO B 205 -21.51 16.49 39.86
N LYS B 206 -21.31 16.85 41.13
CA LYS B 206 -20.56 18.05 41.45
C LYS B 206 -19.11 17.86 41.05
N ILE B 207 -18.42 18.97 40.80
CA ILE B 207 -17.02 18.93 40.34
C ILE B 207 -16.12 19.36 41.49
N ALA B 208 -15.05 18.59 41.72
CA ALA B 208 -14.10 18.89 42.78
C ALA B 208 -12.66 18.68 42.31
N GLN B 209 -11.71 19.03 43.16
CA GLN B 209 -10.30 18.76 42.90
C GLN B 209 -10.01 17.26 42.98
N PRO B 210 -9.08 16.75 42.16
CA PRO B 210 -8.66 15.35 42.27
C PRO B 210 -8.18 14.96 43.67
N THR B 211 -7.71 15.92 44.47
CA THR B 211 -7.19 15.57 45.80
C THR B 211 -8.25 15.59 46.91
N LYS B 212 -9.49 15.93 46.56
CA LYS B 212 -10.54 16.00 47.57
C LYS B 212 -10.79 14.67 48.26
N VAL B 213 -10.81 14.69 49.59
CA VAL B 213 -11.17 13.50 50.37
C VAL B 213 -12.69 13.35 50.42
N ILE B 214 -13.19 12.16 50.09
CA ILE B 214 -14.62 11.88 50.13
C ILE B 214 -14.92 10.94 51.29
N PHE B 215 -15.73 11.42 52.23
CA PHE B 215 -15.96 10.68 53.47
C PHE B 215 -17.33 11.03 54.02
N PRO B 216 -17.90 10.12 54.84
CA PRO B 216 -17.23 8.89 55.25
C PRO B 216 -17.57 7.72 54.32
N ILE B 217 -16.85 6.63 54.47
CA ILE B 217 -17.15 5.40 53.73
C ILE B 217 -18.27 4.67 54.46
N LYS B 218 -19.24 4.16 53.71
CA LYS B 218 -20.35 3.45 54.33
C LYS B 218 -19.85 2.22 55.10
N THR B 219 -20.40 2.00 56.29
CA THR B 219 -19.88 0.99 57.22
C THR B 219 -19.86 -0.40 56.58
N GLU B 220 -20.88 -0.69 55.77
CA GLU B 220 -20.94 -1.94 55.04
C GLU B 220 -19.66 -2.21 54.24
N TYR B 221 -19.09 -1.16 53.67
CA TYR B 221 -17.91 -1.34 52.85
C TYR B 221 -16.61 -1.26 53.64
N VAL B 222 -16.64 -0.55 54.76
CA VAL B 222 -15.47 -0.53 55.64
C VAL B 222 -15.10 -1.95 56.05
N LYS B 223 -16.12 -2.76 56.30
CA LYS B 223 -15.92 -4.16 56.66
C LYS B 223 -15.57 -5.01 55.44
N LYS B 224 -16.41 -4.92 54.40
CA LYS B 224 -16.19 -5.70 53.18
C LYS B 224 -14.80 -5.52 52.57
N LEU B 225 -14.27 -4.29 52.61
CA LEU B 225 -13.01 -3.99 51.94
C LEU B 225 -11.79 -4.29 52.81
N GLY B 226 -12.01 -4.45 54.11
CA GLY B 226 -10.93 -4.80 55.03
C GLY B 226 -10.20 -3.60 55.58
N ILE B 227 -10.83 -2.44 55.51
CA ILE B 227 -10.18 -1.19 55.88
C ILE B 227 -10.63 -0.62 57.24
N ASP B 228 -10.20 0.61 57.53
CA ASP B 228 -10.49 1.30 58.77
C ASP B 228 -11.62 2.30 58.62
N SER B 229 -12.07 2.82 59.75
CA SER B 229 -13.09 3.86 59.77
C SER B 229 -12.47 5.20 59.36
N ASP B 230 -11.14 5.29 59.44
CA ASP B 230 -10.47 6.52 59.02
C ASP B 230 -9.75 6.38 57.67
N THR B 231 -9.94 5.25 57.01
CA THR B 231 -9.44 5.06 55.66
C THR B 231 -10.05 6.08 54.70
N LYS B 232 -9.21 6.94 54.13
CA LYS B 232 -9.69 8.00 53.25
C LYS B 232 -9.86 7.59 51.78
N ILE B 233 -10.97 7.99 51.19
CA ILE B 233 -11.14 7.86 49.76
C ILE B 233 -10.71 9.17 49.10
N ILE B 234 -9.77 9.09 48.16
CA ILE B 234 -9.34 10.26 47.40
C ILE B 234 -10.03 10.25 46.05
N LEU B 235 -10.56 11.39 45.65
CA LEU B 235 -11.41 11.47 44.47
C LEU B 235 -10.70 10.90 43.23
N GLY B 236 -9.40 11.18 43.10
CA GLY B 236 -8.61 10.72 41.97
C GLY B 236 -8.89 11.47 40.68
N ALA B 237 -8.48 10.87 39.57
CA ALA B 237 -8.53 11.57 38.29
C ALA B 237 -8.50 10.61 37.12
N SER B 238 -8.46 11.16 35.89
CA SER B 238 -8.48 10.35 34.67
C SER B 238 -7.14 9.65 34.43
N ASP B 239 -7.19 8.51 33.76
CA ASP B 239 -5.98 7.81 33.29
C ASP B 239 -5.09 8.69 32.42
N GLY B 240 -5.70 9.55 31.61
CA GLY B 240 -4.92 10.38 30.72
C GLY B 240 -4.11 11.39 31.50
N TYR B 241 -4.77 12.12 32.40
CA TYR B 241 -4.04 13.08 33.21
C TYR B 241 -3.03 12.42 34.12
N LEU B 242 -3.42 11.32 34.77
CA LEU B 242 -2.53 10.70 35.75
C LEU B 242 -1.33 9.99 35.09
N SER B 243 -1.54 9.47 33.89
CA SER B 243 -0.42 8.87 33.14
C SER B 243 0.63 9.91 32.76
N THR B 244 0.21 11.15 32.63
CA THR B 244 1.11 12.22 32.23
C THR B 244 1.96 12.71 33.40
N ILE B 245 1.32 13.04 34.52
CA ILE B 245 2.09 13.50 35.69
C ILE B 245 2.80 12.31 36.32
N GLY B 246 2.23 11.12 36.15
CA GLY B 246 2.85 9.88 36.63
C GLY B 246 4.13 9.46 35.91
N VAL B 247 4.45 10.13 34.80
CA VAL B 247 5.78 9.99 34.21
C VAL B 247 6.57 11.29 34.35
N ASN B 248 6.17 12.10 35.33
CA ASN B 248 6.83 13.37 35.63
C ASN B 248 6.86 14.33 34.45
N ALA B 249 5.86 14.26 33.59
CA ALA B 249 5.72 15.26 32.54
C ALA B 249 4.71 16.32 33.00
N ILE B 250 5.13 17.19 33.91
CA ILE B 250 4.18 18.08 34.59
C ILE B 250 3.97 19.44 33.92
N ASP B 251 4.86 19.83 33.01
CA ASP B 251 4.75 21.14 32.39
C ASP B 251 4.99 21.08 30.89
N SER B 252 4.97 22.23 30.24
CA SER B 252 5.03 22.27 28.77
C SER B 252 6.42 21.96 28.22
N ASP B 253 7.41 21.89 29.10
CA ASP B 253 8.76 21.50 28.69
C ASP B 253 8.92 19.99 28.52
N HIS B 254 7.89 19.24 28.87
CA HIS B 254 7.93 17.78 28.71
C HIS B 254 6.70 17.26 27.97
N CYS B 255 6.82 16.03 27.47
CA CYS B 255 5.78 15.32 26.74
C CYS B 255 5.73 13.92 27.30
N ALA B 256 4.54 13.34 27.34
CA ALA B 256 4.40 11.94 27.74
C ALA B 256 4.02 11.12 26.51
N LEU B 257 4.85 10.14 26.20
CA LEU B 257 4.56 9.24 25.10
C LEU B 257 4.36 7.86 25.69
N ASN B 258 3.16 7.33 25.54
CA ASN B 258 2.95 5.94 25.91
C ASN B 258 2.52 5.17 24.69
N VAL B 259 3.18 4.05 24.41
CA VAL B 259 2.71 3.19 23.34
C VAL B 259 2.66 1.74 23.76
N GLY B 260 1.46 1.25 24.00
CA GLY B 260 1.24 -0.17 24.22
C GLY B 260 0.53 -0.77 23.01
N THR B 261 -0.60 -1.40 23.25
CA THR B 261 -1.46 -1.85 22.17
C THR B 261 -1.88 -0.63 21.33
N SER B 262 -2.36 0.40 22.03
CA SER B 262 -2.57 1.70 21.42
C SER B 262 -1.62 2.71 22.06
N GLY B 263 -1.75 3.96 21.67
CA GLY B 263 -0.77 4.93 22.11
C GLY B 263 -1.38 6.29 22.39
N ALA B 264 -0.56 7.18 22.90
CA ALA B 264 -1.04 8.51 23.25
C ALA B 264 0.15 9.42 23.43
N ILE B 265 0.02 10.66 22.98
CA ILE B 265 1.02 11.67 23.22
C ILE B 265 0.31 12.81 23.94
N ARG B 266 0.87 13.25 25.06
CA ARG B 266 0.24 14.25 25.90
C ARG B 266 1.22 15.25 26.49
N THR B 267 0.73 16.45 26.76
CA THR B 267 1.52 17.46 27.43
C THR B 267 0.63 18.40 28.24
N ILE B 268 1.17 18.97 29.32
CA ILE B 268 0.40 19.89 30.16
C ILE B 268 0.86 21.35 29.96
N VAL B 269 -0.09 22.22 29.63
CA VAL B 269 0.16 23.64 29.44
C VAL B 269 -0.66 24.49 30.43
N ASP B 270 -0.35 25.78 30.54
CA ASP B 270 -0.92 26.57 31.64
C ASP B 270 -2.22 27.29 31.32
N GLN B 271 -2.67 27.21 30.08
CA GLN B 271 -3.93 27.83 29.73
C GLN B 271 -4.62 27.02 28.67
N PRO B 272 -5.91 27.25 28.48
CA PRO B 272 -6.62 26.55 27.39
C PRO B 272 -5.94 26.83 26.06
N LYS B 273 -5.90 25.82 25.21
CA LYS B 273 -5.34 25.94 23.87
C LYS B 273 -6.06 24.90 23.07
N ILE B 274 -6.73 25.32 22.01
CA ILE B 274 -7.38 24.37 21.14
C ILE B 274 -6.78 24.50 19.75
N ASP B 275 -7.05 23.51 18.93
CA ASP B 275 -6.47 23.44 17.62
C ASP B 275 -7.47 23.90 16.57
N PRO B 276 -7.08 24.86 15.73
CA PRO B 276 -7.93 25.28 14.59
C PRO B 276 -8.56 24.12 13.85
N SER B 277 -7.82 23.02 13.70
CA SER B 277 -8.30 21.83 13.02
C SER B 277 -8.85 20.77 13.97
N ALA B 278 -8.84 21.10 15.26
CA ALA B 278 -9.39 20.21 16.27
C ALA B 278 -8.72 18.84 16.29
N SER B 279 -7.41 18.78 16.06
CA SER B 279 -6.75 17.49 15.97
C SER B 279 -6.20 16.98 17.32
N TYR B 280 -6.32 17.79 18.37
CA TYR B 280 -5.93 17.31 19.69
C TYR B 280 -6.93 17.77 20.74
N PHE B 281 -7.04 17.00 21.82
CA PHE B 281 -7.96 17.39 22.87
C PHE B 281 -7.33 18.39 23.81
N CYS B 282 -8.17 19.08 24.58
CA CYS B 282 -7.70 19.96 25.63
C CYS B 282 -8.59 19.71 26.85
N TYR B 283 -8.02 19.02 27.84
CA TYR B 283 -8.76 18.58 29.01
C TYR B 283 -8.19 19.26 30.25
N PRO B 284 -8.99 20.13 30.87
CA PRO B 284 -8.54 20.85 32.07
C PRO B 284 -8.26 19.91 33.22
N ALA B 285 -7.23 20.20 34.01
CA ALA B 285 -7.03 19.56 35.30
C ALA B 285 -7.38 20.56 36.41
N ASP B 286 -6.95 21.81 36.22
CA ASP B 286 -7.39 22.92 37.06
C ASP B 286 -7.18 24.23 36.31
N LYS B 287 -7.36 25.35 37.01
CA LYS B 287 -7.28 26.67 36.38
C LYS B 287 -6.00 26.95 35.61
N THR B 288 -4.88 26.41 36.08
CA THR B 288 -3.61 26.70 35.45
C THR B 288 -2.90 25.45 34.88
N HIS B 289 -3.67 24.39 34.65
CA HIS B 289 -3.12 23.16 34.05
C HIS B 289 -4.13 22.53 33.11
N TYR B 290 -3.73 22.39 31.84
CA TYR B 290 -4.58 21.83 30.79
C TYR B 290 -3.83 20.72 30.03
N LEU B 291 -4.45 19.55 29.92
CA LEU B 291 -3.83 18.40 29.25
C LEU B 291 -4.15 18.46 27.77
N LEU B 292 -3.12 18.64 26.97
CA LEU B 292 -3.30 18.56 25.53
C LEU B 292 -2.85 17.16 25.12
N GLY B 293 -3.56 16.57 24.17
CA GLY B 293 -3.16 15.23 23.76
C GLY B 293 -3.80 14.67 22.52
N GLY B 294 -3.14 13.63 21.98
CA GLY B 294 -3.73 12.81 20.94
C GLY B 294 -3.72 11.34 21.35
N PRO B 295 -4.91 10.73 21.38
CA PRO B 295 -5.02 9.27 21.52
C PRO B 295 -4.84 8.68 20.13
N VAL B 296 -3.97 7.69 20.03
CA VAL B 296 -3.60 7.09 18.75
C VAL B 296 -3.93 5.59 18.79
N ASN B 297 -4.88 5.15 17.97
CA ASN B 297 -5.30 3.74 17.97
C ASN B 297 -4.17 2.76 17.61
N ASN B 298 -3.43 3.11 16.56
CA ASN B 298 -2.58 2.14 15.85
C ASN B 298 -1.17 2.06 16.40
N GLY B 299 -1.04 1.45 17.58
CA GLY B 299 0.24 1.28 18.22
C GLY B 299 0.77 -0.14 18.08
N GLY B 300 1.06 -0.79 19.19
CA GLY B 300 1.52 -2.17 19.19
C GLY B 300 0.55 -3.14 18.56
N ILE B 301 -0.73 -2.79 18.53
CA ILE B 301 -1.72 -3.65 17.89
C ILE B 301 -1.38 -3.85 16.41
N VAL B 302 -0.86 -2.80 15.77
CA VAL B 302 -0.47 -2.86 14.36
C VAL B 302 0.84 -3.62 14.21
N PHE B 303 1.77 -3.43 15.13
CA PHE B 303 2.99 -4.22 15.17
C PHE B 303 2.64 -5.71 15.24
N ASN B 304 1.69 -6.05 16.11
CA ASN B 304 1.27 -7.44 16.29
C ASN B 304 0.64 -8.00 15.01
N TRP B 305 -0.20 -7.21 14.36
CA TRP B 305 -0.76 -7.59 13.06
C TRP B 305 0.35 -7.94 12.06
N ALA B 306 1.33 -7.05 11.92
CA ALA B 306 2.41 -7.23 10.97
C ALA B 306 3.27 -8.44 11.32
N ARG B 307 3.58 -8.58 12.62
CA ARG B 307 4.31 -9.75 13.10
C ARG B 307 3.69 -11.04 12.58
N GLN B 308 2.37 -11.15 12.63
CA GLN B 308 1.69 -12.36 12.21
C GLN B 308 1.43 -12.44 10.71
N THR B 309 1.18 -11.31 10.08
CA THR B 309 0.74 -11.28 8.70
C THR B 309 1.93 -11.28 7.74
N LEU B 310 2.92 -10.46 8.05
CA LEU B 310 4.12 -10.40 7.21
C LEU B 310 4.95 -11.68 7.36
N PHE B 311 4.89 -12.29 8.56
CA PHE B 311 5.65 -13.52 8.85
C PHE B 311 4.72 -14.66 9.28
N ALA B 313 6.68 -20.09 10.58
CA ALA B 313 6.40 -18.72 11.01
C ALA B 313 6.23 -18.59 12.54
N ASP B 314 5.12 -18.00 12.96
CA ASP B 314 5.00 -17.44 14.32
C ASP B 314 6.26 -16.78 14.88
N GLU B 315 6.70 -15.78 14.12
CA GLU B 315 7.71 -14.83 14.50
C GLU B 315 7.46 -14.28 15.89
N THR B 316 8.48 -14.28 16.74
CA THR B 316 8.41 -13.54 17.99
C THR B 316 8.59 -12.04 17.70
N PRO B 317 8.22 -11.16 18.65
CA PRO B 317 8.48 -9.73 18.44
C PRO B 317 9.97 -9.46 18.22
N GLN B 318 10.83 -10.15 18.94
CA GLN B 318 12.26 -9.96 18.75
C GLN B 318 12.71 -10.36 17.34
N ASP B 319 12.16 -11.42 16.79
CA ASP B 319 12.56 -11.85 15.43
C ASP B 319 12.18 -10.77 14.44
N PHE B 320 10.98 -10.22 14.63
CA PHE B 320 10.49 -9.17 13.76
C PHE B 320 11.45 -7.98 13.81
N LEU B 321 11.81 -7.59 15.02
CA LEU B 321 12.74 -6.49 15.22
C LEU B 321 14.09 -6.77 14.55
N ASP B 322 14.62 -7.98 14.76
CA ASP B 322 15.91 -8.35 14.15
C ASP B 322 15.85 -8.22 12.63
N VAL B 323 14.77 -8.71 12.02
CA VAL B 323 14.66 -8.62 10.56
C VAL B 323 14.56 -7.19 10.09
N ALA B 324 13.72 -6.40 10.73
CA ALA B 324 13.54 -5.00 10.32
C ALA B 324 14.86 -4.23 10.42
N GLN B 325 15.68 -4.55 11.40
CA GLN B 325 16.95 -3.88 11.55
C GLN B 325 17.93 -4.19 10.42
N THR B 326 17.66 -5.22 9.62
CA THR B 326 18.55 -5.49 8.47
C THR B 326 18.22 -4.58 7.29
N ALA B 327 17.15 -3.79 7.41
CA ALA B 327 16.81 -2.80 6.41
C ALA B 327 17.45 -1.46 6.79
N PRO B 328 17.77 -0.64 5.79
CA PRO B 328 18.35 0.68 6.11
C PRO B 328 17.31 1.59 6.75
N ALA B 329 17.77 2.59 7.50
CA ALA B 329 16.87 3.62 8.03
C ALA B 329 16.14 4.31 6.87
N GLY B 330 14.82 4.34 6.95
CA GLY B 330 14.03 4.95 5.90
C GLY B 330 13.40 3.91 5.01
N SER B 331 13.77 2.64 5.24
CA SER B 331 13.22 1.52 4.48
C SER B 331 13.23 1.73 2.95
N ARG B 332 14.30 2.33 2.44
CA ARG B 332 14.40 2.67 1.02
C ARG B 332 13.16 3.43 0.53
N ASN B 333 12.71 4.36 1.37
CA ASN B 333 11.59 5.26 1.05
C ASN B 333 10.23 4.57 0.94
N LEU B 334 10.10 3.37 1.50
CA LEU B 334 8.78 2.73 1.59
C LEU B 334 7.96 3.40 2.71
N ILE B 335 6.74 3.82 2.40
CA ILE B 335 5.85 4.41 3.38
C ILE B 335 4.75 3.43 3.82
N PHE B 336 4.57 3.30 5.14
CA PHE B 336 3.46 2.55 5.69
C PHE B 336 2.57 3.49 6.48
N LEU B 337 1.37 3.77 5.97
CA LEU B 337 0.37 4.50 6.78
C LEU B 337 -0.32 3.45 7.65
N PRO B 338 -0.20 3.60 9.00
CA PRO B 338 -0.54 2.49 9.89
C PRO B 338 -2.01 2.44 10.33
N TYR B 339 -2.92 3.07 9.60
CA TYR B 339 -4.27 3.26 10.10
C TYR B 339 -5.17 2.03 9.97
N LEU B 340 -4.72 0.87 10.44
CA LEU B 340 -5.50 -0.36 10.26
C LEU B 340 -6.87 -0.33 10.92
N GLY B 341 -6.97 0.25 12.10
CA GLY B 341 -8.25 0.22 12.82
C GLY B 341 -9.01 1.54 12.79
N GLY B 342 -8.92 2.25 11.68
CA GLY B 342 -9.36 3.65 11.65
C GLY B 342 -8.40 4.40 12.55
N GLU B 343 -8.55 5.72 12.66
CA GLU B 343 -7.64 6.45 13.53
C GLU B 343 -8.31 7.64 14.21
N ARG B 344 -7.88 7.92 15.44
CA ARG B 344 -8.23 9.16 16.12
C ARG B 344 -7.12 10.19 15.86
N ALA B 345 -6.34 10.61 16.86
CA ALA B 345 -5.22 11.49 16.54
C ALA B 345 -4.24 10.71 15.66
N PRO B 346 -3.67 11.35 14.64
CA PRO B 346 -3.84 12.76 14.28
C PRO B 346 -4.86 13.00 13.18
N ILE B 347 -5.38 11.96 12.54
CA ILE B 347 -6.22 12.20 11.36
C ILE B 347 -7.72 12.22 11.62
N TRP B 348 -8.14 11.64 12.75
CA TRP B 348 -9.55 11.60 13.14
C TRP B 348 -10.45 11.17 12.00
N ASP B 349 -10.22 9.95 11.51
CA ASP B 349 -11.02 9.38 10.45
C ASP B 349 -11.27 7.93 10.82
N ALA B 350 -12.49 7.63 11.26
CA ALA B 350 -12.79 6.28 11.70
C ALA B 350 -12.79 5.30 10.53
N ASN B 351 -12.85 5.81 9.30
CA ASN B 351 -12.87 4.95 8.11
C ASN B 351 -11.51 4.66 7.51
N ALA B 352 -10.48 5.24 8.09
CA ALA B 352 -9.13 5.08 7.58
C ALA B 352 -8.69 3.61 7.55
N ARG B 353 -7.82 3.28 6.58
CA ARG B 353 -7.21 1.97 6.49
C ARG B 353 -5.71 2.13 6.30
N GLY B 354 -4.95 1.04 6.41
CA GLY B 354 -3.50 1.14 6.25
C GLY B 354 -3.04 0.97 4.81
N SER B 355 -1.80 1.38 4.54
CA SER B 355 -1.25 1.24 3.19
C SER B 355 0.26 1.07 3.23
N PHE B 356 0.79 0.28 2.29
CA PHE B 356 2.20 0.39 1.94
C PHE B 356 2.22 1.12 0.60
N VAL B 357 2.95 2.23 0.51
CA VAL B 357 3.10 2.97 -0.74
C VAL B 357 4.58 3.18 -1.07
N GLY B 358 4.95 2.86 -2.32
CA GLY B 358 6.32 3.04 -2.79
C GLY B 358 7.08 1.77 -3.02
N LEU B 359 6.37 0.67 -3.29
CA LEU B 359 7.02 -0.64 -3.45
C LEU B 359 7.79 -0.79 -4.77
N THR B 360 8.92 -1.47 -4.65
CA THR B 360 9.86 -1.69 -5.71
C THR B 360 10.41 -3.07 -5.46
N ARG B 361 11.03 -3.69 -6.46
CA ARG B 361 11.67 -4.98 -6.25
C ARG B 361 12.82 -4.90 -5.23
N HIS B 363 12.43 -3.63 -2.41
CA HIS B 363 11.77 -3.78 -1.12
C HIS B 363 11.47 -5.23 -0.79
N GLN B 364 12.28 -5.79 0.09
CA GLN B 364 12.10 -7.16 0.53
C GLN B 364 11.44 -7.22 1.90
N LYS B 365 11.40 -8.40 2.50
CA LYS B 365 10.73 -8.52 3.79
C LYS B 365 11.25 -7.51 4.81
N PRO B 366 12.59 -7.33 4.89
CA PRO B 366 13.18 -6.37 5.82
C PRO B 366 12.64 -4.94 5.65
N GLU B 367 12.55 -4.47 4.42
CA GLU B 367 12.02 -3.13 4.16
C GLU B 367 10.55 -2.99 4.61
N ALA B 369 8.89 -4.95 6.90
CA ALA B 369 8.89 -5.03 8.36
C ALA B 369 9.33 -3.69 8.95
N ARG B 370 10.45 -3.13 8.50
CA ARG B 370 10.89 -1.85 9.04
C ARG B 370 9.93 -0.69 8.78
N ALA B 371 9.32 -0.66 7.61
CA ALA B 371 8.40 0.43 7.27
C ALA B 371 7.19 0.45 8.19
N VAL B 372 6.73 -0.73 8.61
CA VAL B 372 5.63 -0.80 9.58
C VAL B 372 6.02 -0.07 10.87
N ILE B 373 7.21 -0.36 11.39
CA ILE B 373 7.65 0.23 12.66
C ILE B 373 7.85 1.74 12.52
N GLU B 374 8.52 2.14 11.45
CA GLU B 374 8.69 3.56 11.12
C GLU B 374 7.36 4.27 10.93
N GLY B 375 6.39 3.59 10.33
CA GLY B 375 5.08 4.17 10.12
C GLY B 375 4.30 4.34 11.41
N ILE B 376 4.38 3.37 12.29
CA ILE B 376 3.72 3.49 13.57
C ILE B 376 4.31 4.72 14.28
N ILE B 377 5.63 4.84 14.25
CA ILE B 377 6.29 5.97 14.93
C ILE B 377 6.03 7.32 14.25
N PHE B 378 6.05 7.36 12.91
CA PHE B 378 5.76 8.57 12.15
C PHE B 378 4.37 9.11 12.51
N ASN B 379 3.43 8.20 12.68
CA ASN B 379 2.04 8.53 13.02
C ASN B 379 2.00 9.20 14.39
N LEU B 380 2.75 8.67 15.35
CA LEU B 380 2.84 9.29 16.68
C LEU B 380 3.54 10.65 16.60
N TYR B 381 4.55 10.75 15.74
CA TYR B 381 5.27 12.02 15.57
C TYR B 381 4.37 13.05 14.89
N ASP B 382 3.50 12.55 14.01
CA ASP B 382 2.52 13.40 13.33
C ASP B 382 1.56 13.99 14.38
N ALA B 383 1.11 13.16 15.31
CA ALA B 383 0.21 13.61 16.37
C ALA B 383 0.93 14.53 17.34
N ALA B 384 2.14 14.16 17.75
CA ALA B 384 2.93 15.03 18.64
C ALA B 384 3.19 16.40 18.01
N SER B 385 3.42 16.43 16.71
CA SER B 385 3.75 17.66 15.99
C SER B 385 2.59 18.66 16.02
N ASN B 386 1.36 18.14 15.98
CA ASN B 386 0.16 18.96 16.15
C ASN B 386 0.13 19.68 17.50
N LEU B 387 0.50 18.96 18.56
CA LEU B 387 0.55 19.53 19.90
C LEU B 387 1.44 20.75 19.96
N ILE B 388 2.68 20.57 19.51
CA ILE B 388 3.73 21.51 19.86
C ILE B 388 4.04 22.59 18.82
N LYS B 389 3.25 22.66 17.75
CA LYS B 389 3.52 23.63 16.70
C LYS B 389 3.31 25.08 17.19
N ASN B 390 4.14 25.98 16.68
CA ASN B 390 4.12 27.37 17.15
C ASN B 390 4.54 27.47 18.62
N THR B 391 5.21 26.43 19.11
CA THR B 391 5.76 26.44 20.46
C THR B 391 7.17 25.87 20.39
N LYS B 392 7.87 25.93 21.51
CA LYS B 392 9.19 25.33 21.59
C LYS B 392 9.03 23.82 21.78
N LYS B 393 9.89 23.04 21.12
CA LYS B 393 9.87 21.59 21.28
C LYS B 393 10.04 21.25 22.75
N PRO B 394 9.50 20.10 23.18
CA PRO B 394 9.77 19.77 24.58
C PRO B 394 11.24 19.39 24.68
N VAL B 395 11.82 19.45 25.87
CA VAL B 395 13.24 19.14 26.05
C VAL B 395 13.47 17.63 26.05
N ALA B 396 12.41 16.86 26.23
CA ALA B 396 12.49 15.40 26.20
C ALA B 396 11.11 14.79 26.08
N ILE B 397 11.05 13.53 25.62
CA ILE B 397 9.83 12.76 25.62
C ILE B 397 9.93 11.68 26.69
N ASN B 398 9.01 11.72 27.66
CA ASN B 398 8.98 10.71 28.71
C ASN B 398 8.17 9.48 28.29
N ALA B 399 8.85 8.35 28.08
CA ALA B 399 8.27 7.24 27.31
C ALA B 399 8.00 5.96 28.09
N THR B 400 6.85 5.33 27.81
CA THR B 400 6.47 4.05 28.42
C THR B 400 5.73 3.20 27.39
N GLY B 401 5.56 1.90 27.66
CA GLY B 401 4.71 1.06 26.84
C GLY B 401 5.43 -0.12 26.24
N GLY B 402 4.74 -1.24 26.08
CA GLY B 402 5.33 -2.45 25.56
C GLY B 402 5.87 -2.28 24.16
N PHE B 403 5.28 -1.38 23.37
CA PHE B 403 5.79 -1.17 22.02
C PHE B 403 7.18 -0.55 22.06
N LEU B 404 7.47 0.18 23.15
CA LEU B 404 8.73 0.91 23.32
C LEU B 404 9.75 0.13 24.12
N LYS B 405 9.58 -1.19 24.18
CA LYS B 405 10.41 -2.05 24.99
C LYS B 405 11.86 -2.08 24.52
N SER B 406 12.05 -2.22 23.22
CA SER B 406 13.39 -2.46 22.66
C SER B 406 14.22 -1.19 22.52
N ASP B 407 15.53 -1.31 22.71
CA ASP B 407 16.43 -0.21 22.44
C ASP B 407 16.22 0.29 21.00
N PHE B 408 15.99 -0.65 20.09
CA PHE B 408 15.84 -0.29 18.68
C PHE B 408 14.72 0.74 18.50
N VAL B 409 13.53 0.42 19.00
CA VAL B 409 12.40 1.30 18.84
C VAL B 409 12.61 2.59 19.64
N ARG B 410 13.25 2.46 20.79
CA ARG B 410 13.51 3.64 21.60
C ARG B 410 14.42 4.60 20.83
N GLN B 411 15.48 4.06 20.27
CA GLN B 411 16.41 4.88 19.52
C GLN B 411 15.73 5.43 18.27
N LEU B 412 14.84 4.63 17.68
CA LEU B 412 14.13 5.07 16.50
C LEU B 412 13.23 6.25 16.84
N CYS B 413 12.52 6.17 17.96
CA CYS B 413 11.71 7.30 18.42
C CYS B 413 12.55 8.56 18.58
N ALA B 414 13.75 8.41 19.18
CA ALA B 414 14.66 9.56 19.33
C ALA B 414 14.98 10.16 17.97
N ASN B 415 15.36 9.29 17.04
CA ASN B 415 15.77 9.75 15.71
C ASN B 415 14.66 10.42 14.92
N ILE B 416 13.44 9.90 15.05
CA ILE B 416 12.30 10.48 14.33
C ILE B 416 11.75 11.74 15.00
N PHE B 417 11.57 11.71 16.32
CA PHE B 417 11.14 12.90 17.06
C PHE B 417 12.24 13.97 17.11
N ASN B 418 13.49 13.53 16.95
CA ASN B 418 14.67 14.41 17.15
C ASN B 418 14.69 15.11 18.51
N VAL B 419 14.22 14.42 19.55
CA VAL B 419 14.42 14.89 20.92
C VAL B 419 14.78 13.70 21.79
N PRO B 420 15.49 13.94 22.90
CA PRO B 420 15.84 12.83 23.79
C PRO B 420 14.59 12.01 24.23
N ILE B 421 14.75 10.70 24.31
CA ILE B 421 13.68 9.81 24.79
C ILE B 421 14.11 9.32 26.17
N VAL B 422 13.34 9.68 27.19
CA VAL B 422 13.60 9.22 28.55
C VAL B 422 12.61 8.12 28.93
N THR B 423 13.12 6.92 29.17
CA THR B 423 12.25 5.82 29.55
C THR B 423 12.17 5.78 31.08
N LYS B 425 11.33 4.31 35.07
CA LYS B 425 11.48 3.13 35.90
C LYS B 425 10.14 2.46 36.09
N GLU B 426 9.09 3.27 36.12
CA GLU B 426 7.76 2.78 36.47
C GLU B 426 6.80 2.91 35.31
N GLN B 427 6.41 1.77 34.73
CA GLN B 427 5.41 1.73 33.65
C GLN B 427 3.99 2.04 34.15
N GLN B 428 3.71 1.68 35.40
CA GLN B 428 2.39 1.88 35.99
C GLN B 428 2.19 3.31 36.46
N SER B 429 2.17 4.24 35.51
CA SER B 429 2.20 5.66 35.82
C SER B 429 0.88 6.14 36.44
N GLY B 430 -0.22 5.57 35.98
CA GLY B 430 -1.53 5.98 36.46
C GLY B 430 -1.74 5.76 37.96
N THR B 431 -1.47 4.55 38.45
CA THR B 431 -1.69 4.26 39.87
C THR B 431 -0.63 4.94 40.73
N LEU B 432 0.56 5.13 40.15
CA LEU B 432 1.61 5.90 40.82
C LEU B 432 1.13 7.32 41.07
N ALA B 433 0.61 7.97 40.05
CA ALA B 433 0.12 9.35 40.21
C ALA B 433 -1.11 9.40 41.12
N ALA B 434 -1.94 8.36 41.05
CA ALA B 434 -3.10 8.27 41.92
C ALA B 434 -2.64 8.23 43.37
N PHE B 436 0.21 9.34 44.41
CA PHE B 436 0.76 10.66 44.72
C PHE B 436 -0.33 11.61 45.19
N LEU B 437 -1.47 11.61 44.50
CA LEU B 437 -2.63 12.43 44.90
C LEU B 437 -2.99 12.20 46.37
N ALA B 438 -2.99 10.93 46.77
CA ALA B 438 -3.25 10.56 48.15
C ALA B 438 -2.20 11.18 49.08
N ARG B 439 -0.94 11.20 48.64
CA ARG B 439 0.11 11.82 49.45
C ARG B 439 -0.15 13.30 49.62
N GLN B 440 -0.59 13.97 48.56
CA GLN B 440 -0.96 15.37 48.67
C GLN B 440 -2.08 15.56 49.71
N ALA B 441 -3.12 14.73 49.62
CA ALA B 441 -4.26 14.84 50.52
C ALA B 441 -3.89 14.50 51.98
N LEU B 442 -2.97 13.55 52.15
CA LEU B 442 -2.48 13.18 53.48
C LEU B 442 -1.46 14.17 54.04
N GLY B 443 -1.16 15.23 53.29
CA GLY B 443 -0.16 16.18 53.74
C GLY B 443 1.28 15.71 53.56
N LEU B 444 1.47 14.51 53.02
CA LEU B 444 2.82 13.97 52.83
C LEU B 444 3.59 14.60 51.66
N ASN B 445 2.88 15.26 50.75
CA ASN B 445 3.50 16.04 49.69
C ASN B 445 2.71 17.30 49.39
N GLN B 446 3.39 18.36 48.97
CA GLN B 446 2.71 19.60 48.63
C GLN B 446 2.63 19.84 47.13
N ASP B 447 3.76 20.24 46.55
CA ASP B 447 3.78 20.65 45.15
C ASP B 447 3.77 19.44 44.20
N LEU B 448 3.04 19.59 43.11
CA LEU B 448 3.01 18.59 42.06
C LEU B 448 4.41 18.17 41.64
N SER B 449 5.32 19.14 41.58
CA SER B 449 6.68 18.88 41.12
C SER B 449 7.36 17.81 41.94
N GLU B 450 6.86 17.56 43.14
CA GLU B 450 7.45 16.54 44.00
C GLU B 450 7.16 15.12 43.49
N ILE B 451 6.24 14.97 42.55
CA ILE B 451 5.98 13.63 41.98
C ILE B 451 7.25 13.04 41.36
N GLY B 452 8.18 13.91 40.97
CA GLY B 452 9.46 13.49 40.49
C GLY B 452 10.23 12.56 41.43
N GLN B 453 9.97 12.67 42.74
CA GLN B 453 10.66 11.79 43.68
C GLN B 453 10.24 10.33 43.47
N PHE B 454 9.04 10.12 42.92
CA PHE B 454 8.51 8.77 42.74
C PHE B 454 8.61 8.25 41.29
N ALA B 455 8.39 9.14 40.33
CA ALA B 455 8.46 8.76 38.93
C ALA B 455 9.87 9.07 38.38
N GLN B 456 10.77 8.12 38.51
CA GLN B 456 12.19 8.32 38.16
C GLN B 456 12.49 7.93 36.71
N ALA B 457 13.45 8.60 36.11
CA ALA B 457 13.96 8.25 34.79
C ALA B 457 14.80 6.99 34.93
N ASP B 458 14.73 6.09 33.95
CA ASP B 458 15.60 4.92 33.92
C ASP B 458 16.75 5.05 32.91
N LYS B 459 16.42 5.29 31.63
CA LYS B 459 17.43 5.44 30.58
C LYS B 459 17.11 6.62 29.67
N VAL B 460 18.12 7.10 28.95
CA VAL B 460 17.92 8.18 28.00
C VAL B 460 18.54 7.83 26.64
N TYR B 461 17.82 8.16 25.58
CA TYR B 461 18.26 7.89 24.22
C TYR B 461 18.34 9.23 23.51
N PHE B 462 19.53 9.55 23.00
CA PHE B 462 19.72 10.84 22.31
C PHE B 462 19.68 10.63 20.79
N PRO B 463 19.07 11.58 20.06
CA PRO B 463 18.98 11.47 18.60
C PRO B 463 20.35 11.33 17.98
N ASN B 464 20.47 10.41 17.02
CA ASN B 464 21.66 10.27 16.18
C ASN B 464 21.47 11.23 15.02
N PRO B 465 22.35 12.23 14.88
CA PRO B 465 22.11 13.31 13.93
C PRO B 465 22.01 12.82 12.49
N LYS B 466 22.78 11.79 12.16
CA LYS B 466 22.77 11.20 10.83
C LYS B 466 21.39 10.65 10.45
N GLU B 467 20.90 9.71 11.26
CA GLU B 467 19.59 9.10 11.03
C GLU B 467 18.46 10.10 11.21
N ALA B 468 18.60 10.98 12.18
CA ALA B 468 17.60 12.02 12.37
C ALA B 468 17.42 12.85 11.08
N ALA B 469 18.51 13.05 10.37
CA ALA B 469 18.49 13.79 9.10
C ALA B 469 17.71 13.01 8.05
N THR B 470 18.01 11.72 7.96
CA THR B 470 17.31 10.81 7.09
C THR B 470 15.80 10.89 7.30
N TYR B 471 15.37 10.74 8.55
CA TYR B 471 13.94 10.77 8.89
C TYR B 471 13.31 12.14 8.71
N GLN B 472 14.10 13.18 8.89
CA GLN B 472 13.63 14.54 8.69
C GLN B 472 13.32 14.78 7.21
N LYS B 473 14.10 14.15 6.34
CA LYS B 473 13.83 14.21 4.90
C LYS B 473 12.67 13.30 4.50
N LEU B 474 12.48 12.18 5.21
CA LEU B 474 11.44 11.21 4.86
C LEU B 474 10.03 11.57 5.36
N PHE B 475 9.94 12.27 6.48
CA PHE B 475 8.62 12.59 7.05
C PHE B 475 7.72 13.38 6.10
N PRO B 476 8.29 14.32 5.33
CA PRO B 476 7.43 15.02 4.37
C PRO B 476 6.87 14.10 3.30
N LEU B 477 7.59 13.05 2.94
CA LEU B 477 7.06 12.08 2.00
C LEU B 477 5.92 11.30 2.68
N TYR B 478 6.13 10.88 3.93
CA TYR B 478 5.06 10.20 4.69
C TYR B 478 3.76 11.04 4.67
N CYS B 479 3.88 12.35 4.92
CA CYS B 479 2.73 13.28 4.89
C CYS B 479 2.11 13.47 3.50
N GLU B 480 2.94 13.50 2.47
CA GLU B 480 2.46 13.61 1.10
C GLU B 480 1.55 12.42 0.77
N ILE B 481 1.99 11.21 1.15
CA ILE B 481 1.21 10.00 0.91
C ILE B 481 -0.10 9.97 1.74
N ARG B 482 0.01 10.32 3.02
CA ARG B 482 -1.16 10.47 3.87
C ARG B 482 -2.17 11.43 3.24
N ASN B 483 -1.67 12.60 2.82
CA ASN B 483 -2.50 13.61 2.17
C ASN B 483 -3.15 13.11 0.87
N ALA B 484 -2.38 12.38 0.08
CA ALA B 484 -2.86 11.87 -1.20
C ALA B 484 -4.05 10.93 -1.00
N LEU B 485 -4.01 10.15 0.06
CA LEU B 485 -5.04 9.12 0.31
C LEU B 485 -6.14 9.54 1.30
N ALA B 486 -5.99 10.70 1.92
CA ALA B 486 -6.89 11.08 3.01
C ALA B 486 -8.36 11.03 2.60
N ALA B 487 -8.65 11.36 1.35
CA ALA B 487 -10.05 11.41 0.92
C ALA B 487 -10.54 10.14 0.25
N SER B 488 -9.75 9.08 0.30
CA SER B 488 -10.09 7.87 -0.44
C SER B 488 -10.67 6.73 0.40
N TYR B 489 -10.76 6.92 1.72
CA TYR B 489 -11.08 5.78 2.59
C TYR B 489 -12.55 5.44 2.62
N GLY B 490 -13.41 6.43 2.35
CA GLY B 490 -14.84 6.23 2.51
C GLY B 490 -15.32 5.25 1.46
N LYS B 491 -14.47 5.07 0.47
CA LYS B 491 -14.78 4.28 -0.70
C LYS B 491 -14.69 2.76 -0.45
N PHE B 492 -14.02 2.35 0.64
CA PHE B 492 -13.75 0.93 0.95
C PHE B 492 -14.86 0.24 1.73
N SER B 493 -15.90 1.00 2.09
CA SER B 493 -17.01 0.50 2.91
C SER B 493 -17.30 -0.98 2.64
#